data_5L0O
#
_entry.id   5L0O
#
_cell.length_a   53.752
_cell.length_b   72.464
_cell.length_c   73.272
_cell.angle_alpha   77.15
_cell.angle_beta   72.07
_cell.angle_gamma   86.80
#
_symmetry.space_group_name_H-M   'P 1'
#
_entity_poly.entity_id   1
_entity_poly.type   'polypeptide(L)'
_entity_poly.pdbx_seq_one_letter_code
;GAMSAADEVDGLGVARPHYGSVLDNERLTAEEMDERRRQNVAYEYLCHLEEAKRWMEACLGEDLPPTTELEEGLRNGVYL
AKLGNFFSPKVVSLKKIYDREQTRYKATGLHFRHTDNVIQWLNAMDEIGLPKIFYPETTDIYDRKNMPRCIYCIHALSLY
LFCLGLAPQIQDLYGKVDFTEEEINNMKTELEK
;
_entity_poly.pdbx_strand_id   A,B,C,D
#
# COMPACT_ATOMS: atom_id res chain seq x y z
N ALA A 30 -23.99 32.78 -9.98
CA ALA A 30 -22.56 33.24 -9.95
C ALA A 30 -22.11 33.53 -8.51
N GLU A 31 -23.06 33.67 -7.61
CA GLU A 31 -22.76 33.93 -6.20
C GLU A 31 -23.25 32.72 -5.42
N GLU A 32 -24.14 31.98 -6.07
CA GLU A 32 -24.71 30.77 -5.51
C GLU A 32 -23.66 29.68 -5.64
N MET A 33 -22.60 29.99 -6.40
CA MET A 33 -21.51 29.05 -6.60
C MET A 33 -20.68 29.06 -5.33
N ASP A 34 -20.71 30.19 -4.63
CA ASP A 34 -19.98 30.32 -3.38
C ASP A 34 -20.68 29.42 -2.38
N GLU A 35 -21.95 29.11 -2.67
CA GLU A 35 -22.75 28.26 -1.82
C GLU A 35 -22.35 26.81 -2.11
N ARG A 36 -22.02 26.55 -3.38
CA ARG A 36 -21.61 25.20 -3.76
C ARG A 36 -20.25 24.90 -3.14
N ARG A 37 -19.39 25.91 -3.05
CA ARG A 37 -18.07 25.76 -2.45
C ARG A 37 -18.26 25.20 -1.04
N ARG A 38 -19.24 25.74 -0.35
CA ARG A 38 -19.55 25.32 1.01
C ARG A 38 -20.00 23.86 1.02
N GLN A 39 -20.69 23.48 -0.06
CA GLN A 39 -21.18 22.11 -0.20
C GLN A 39 -20.00 21.16 -0.42
N ASN A 40 -19.06 21.61 -1.24
CA ASN A 40 -17.88 20.83 -1.56
C ASN A 40 -17.02 20.60 -0.32
N VAL A 41 -16.88 21.64 0.50
CA VAL A 41 -16.10 21.54 1.71
C VAL A 41 -16.71 20.48 2.63
N ALA A 42 -18.04 20.47 2.72
CA ALA A 42 -18.73 19.50 3.57
C ALA A 42 -18.53 18.09 3.06
N TYR A 43 -18.68 17.94 1.74
CA TYR A 43 -18.53 16.66 1.08
C TYR A 43 -17.15 16.09 1.34
N GLU A 44 -16.14 16.94 1.12
CA GLU A 44 -14.75 16.55 1.33
C GLU A 44 -14.55 16.05 2.74
N TYR A 45 -15.02 16.81 3.72
CA TYR A 45 -14.85 16.44 5.11
C TYR A 45 -15.53 15.10 5.41
N LEU A 46 -16.69 14.86 4.82
CA LEU A 46 -17.40 13.59 5.03
C LEU A 46 -16.55 12.42 4.53
N CYS A 47 -15.85 12.64 3.42
CA CYS A 47 -14.99 11.59 2.87
C CYS A 47 -13.84 11.30 3.84
N HIS A 48 -13.25 12.34 4.42
CA HIS A 48 -12.15 12.13 5.37
C HIS A 48 -12.64 11.46 6.65
N LEU A 49 -13.92 11.65 6.98
CA LEU A 49 -14.51 11.03 8.16
C LEU A 49 -14.68 9.54 7.83
N GLU A 50 -15.23 9.28 6.64
CA GLU A 50 -15.45 7.91 6.19
C GLU A 50 -14.11 7.14 6.17
N GLU A 51 -13.05 7.82 5.75
CA GLU A 51 -11.73 7.22 5.70
C GLU A 51 -11.24 6.92 7.11
N ALA A 52 -11.39 7.89 8.01
CA ALA A 52 -10.95 7.69 9.39
C ALA A 52 -11.75 6.54 9.99
N LYS A 53 -13.05 6.55 9.74
CA LYS A 53 -13.93 5.49 10.24
C LYS A 53 -13.43 4.10 9.80
N ARG A 54 -13.28 3.90 8.50
CA ARG A 54 -12.85 2.61 7.98
C ARG A 54 -11.50 2.18 8.52
N TRP A 55 -10.56 3.12 8.58
CA TRP A 55 -9.22 2.81 9.07
C TRP A 55 -9.25 2.32 10.53
N MET A 56 -9.98 3.03 11.38
CA MET A 56 -10.06 2.64 12.78
C MET A 56 -10.73 1.27 12.94
N GLU A 57 -11.75 1.02 12.12
CA GLU A 57 -12.43 -0.27 12.16
C GLU A 57 -11.44 -1.37 11.75
N ALA A 58 -10.60 -1.08 10.77
CA ALA A 58 -9.63 -2.06 10.32
C ALA A 58 -8.63 -2.34 11.43
N CYS A 59 -8.24 -1.31 12.16
CA CYS A 59 -7.28 -1.45 13.26
C CYS A 59 -7.87 -2.11 14.50
N LEU A 60 -9.08 -1.73 14.86
CA LEU A 60 -9.73 -2.24 16.06
C LEU A 60 -10.46 -3.57 15.89
N GLY A 61 -10.80 -3.92 14.65
CA GLY A 61 -11.50 -5.17 14.42
C GLY A 61 -12.94 -5.13 14.90
N GLU A 62 -13.48 -3.94 15.09
CA GLU A 62 -14.87 -3.78 15.52
C GLU A 62 -15.45 -2.59 14.79
N ASP A 63 -16.78 -2.55 14.70
CA ASP A 63 -17.46 -1.46 14.01
C ASP A 63 -17.51 -0.16 14.82
N LEU A 64 -17.49 0.96 14.12
CA LEU A 64 -17.57 2.26 14.75
C LEU A 64 -18.89 2.87 14.28
N PRO A 65 -19.34 3.96 14.90
CA PRO A 65 -20.61 4.52 14.43
C PRO A 65 -20.64 4.94 12.95
N PRO A 66 -21.85 5.22 12.43
CA PRO A 66 -22.00 5.64 11.04
C PRO A 66 -21.19 6.90 10.81
N THR A 67 -20.60 7.00 9.63
CA THR A 67 -19.78 8.15 9.27
C THR A 67 -20.43 9.47 9.69
N THR A 68 -21.74 9.60 9.48
CA THR A 68 -22.47 10.83 9.83
C THR A 68 -22.55 11.11 11.34
N GLU A 69 -22.29 10.10 12.15
CA GLU A 69 -22.35 10.30 13.60
C GLU A 69 -21.01 10.05 14.28
N LEU A 70 -19.97 9.84 13.48
CA LEU A 70 -18.64 9.54 14.00
C LEU A 70 -18.08 10.57 14.99
N GLU A 71 -18.19 11.85 14.65
CA GLU A 71 -17.67 12.91 15.49
C GLU A 71 -18.24 12.84 16.90
N GLU A 72 -19.55 12.76 16.98
CA GLU A 72 -20.20 12.67 18.27
C GLU A 72 -19.76 11.36 18.91
N GLY A 73 -19.55 10.35 18.08
CA GLY A 73 -19.17 9.03 18.55
C GLY A 73 -17.74 8.89 19.02
N LEU A 74 -16.94 9.94 18.91
CA LEU A 74 -15.55 9.86 19.36
C LEU A 74 -15.35 10.66 20.65
N ARG A 75 -16.36 11.45 20.97
CA ARG A 75 -16.33 12.30 22.15
C ARG A 75 -15.96 11.67 23.49
N ASN A 76 -16.49 10.49 23.81
CA ASN A 76 -16.17 9.87 25.09
C ASN A 76 -14.79 9.24 25.13
N GLY A 77 -14.04 9.40 24.04
CA GLY A 77 -12.68 8.89 23.96
C GLY A 77 -12.42 7.40 23.99
N VAL A 78 -13.47 6.59 24.03
CA VAL A 78 -13.29 5.13 24.11
C VAL A 78 -12.60 4.54 22.88
N TYR A 79 -13.08 4.87 21.69
CA TYR A 79 -12.46 4.35 20.48
C TYR A 79 -11.02 4.82 20.35
N LEU A 80 -10.78 6.09 20.68
CA LEU A 80 -9.43 6.62 20.60
C LEU A 80 -8.49 5.88 21.56
N ALA A 81 -8.98 5.55 22.77
CA ALA A 81 -8.18 4.83 23.76
C ALA A 81 -7.87 3.41 23.27
N LYS A 82 -8.86 2.78 22.64
CA LYS A 82 -8.65 1.44 22.09
C LYS A 82 -7.61 1.55 20.98
N LEU A 83 -7.74 2.57 20.14
CA LEU A 83 -6.76 2.78 19.08
C LEU A 83 -5.39 2.96 19.75
N GLY A 84 -5.39 3.65 20.88
CA GLY A 84 -4.15 3.87 21.61
C GLY A 84 -3.54 2.55 22.04
N ASN A 85 -4.38 1.62 22.51
CA ASN A 85 -3.90 0.31 22.93
C ASN A 85 -3.38 -0.48 21.72
N PHE A 86 -4.02 -0.30 20.58
CA PHE A 86 -3.65 -0.99 19.36
C PHE A 86 -2.20 -0.76 18.92
N PHE A 87 -1.69 0.45 19.11
CA PHE A 87 -0.32 0.73 18.67
C PHE A 87 0.65 1.04 19.81
N SER A 88 0.12 1.15 21.03
CA SER A 88 0.99 1.43 22.16
C SER A 88 0.45 0.73 23.40
N PRO A 89 0.33 -0.61 23.34
CA PRO A 89 -0.17 -1.44 24.43
C PRO A 89 0.60 -1.26 25.73
N LYS A 90 1.80 -0.72 25.64
CA LYS A 90 2.64 -0.50 26.81
C LYS A 90 2.14 0.68 27.62
N VAL A 91 1.49 1.62 26.95
CA VAL A 91 0.99 2.82 27.60
C VAL A 91 -0.50 2.78 27.87
N VAL A 92 -1.25 2.17 26.95
CA VAL A 92 -2.69 2.10 27.06
C VAL A 92 -3.24 0.71 27.36
N SER A 93 -3.68 0.52 28.60
CA SER A 93 -4.28 -0.73 29.04
C SER A 93 -5.79 -0.68 28.78
N LEU A 94 -6.32 -1.71 28.11
CA LEU A 94 -7.73 -1.75 27.80
C LEU A 94 -8.58 -1.78 29.07
N LYS A 95 -8.07 -2.45 30.10
CA LYS A 95 -8.82 -2.55 31.35
C LYS A 95 -8.80 -1.29 32.16
N LYS A 96 -7.96 -0.34 31.77
CA LYS A 96 -7.90 0.93 32.49
C LYS A 96 -8.75 1.99 31.80
N ILE A 97 -9.41 1.59 30.71
CA ILE A 97 -10.26 2.51 29.97
C ILE A 97 -11.56 2.70 30.75
N TYR A 98 -12.06 3.93 30.80
CA TYR A 98 -13.31 4.20 31.52
C TYR A 98 -14.51 4.02 30.62
N ASP A 99 -15.50 3.28 31.09
CA ASP A 99 -16.72 3.04 30.32
C ASP A 99 -16.34 2.43 28.97
N ARG A 100 -15.47 1.42 29.03
CA ARG A 100 -14.95 0.72 27.86
C ARG A 100 -16.01 0.12 26.95
N GLU A 101 -17.18 -0.16 27.49
CA GLU A 101 -18.27 -0.72 26.70
C GLU A 101 -19.25 0.37 26.33
N GLN A 102 -18.98 1.56 26.82
CA GLN A 102 -19.83 2.72 26.56
C GLN A 102 -21.25 2.59 27.08
N THR A 103 -21.44 1.74 28.09
CA THR A 103 -22.76 1.57 28.68
C THR A 103 -23.18 2.85 29.40
N ARG A 104 -22.25 3.42 30.18
CA ARG A 104 -22.49 4.66 30.89
C ARG A 104 -22.87 5.74 29.88
N TYR A 105 -22.15 5.76 28.77
CA TYR A 105 -22.38 6.74 27.71
C TYR A 105 -23.76 6.62 27.05
N LYS A 106 -24.17 5.40 26.73
CA LYS A 106 -25.47 5.21 26.09
C LYS A 106 -26.59 5.57 27.07
N ALA A 107 -26.42 5.18 28.33
CA ALA A 107 -27.41 5.46 29.38
C ALA A 107 -27.45 6.97 29.64
N THR A 108 -26.48 7.47 30.40
CA THR A 108 -26.37 8.89 30.68
C THR A 108 -25.64 9.41 29.46
N GLY A 109 -24.91 10.52 29.58
CA GLY A 109 -24.18 11.02 28.43
C GLY A 109 -22.69 11.05 28.70
N LEU A 110 -22.02 12.11 28.25
CA LEU A 110 -20.59 12.26 28.48
C LEU A 110 -20.35 12.44 29.98
N HIS A 111 -19.30 11.83 30.48
CA HIS A 111 -18.97 11.97 31.91
C HIS A 111 -17.52 12.43 31.97
N PHE A 112 -17.22 13.28 32.94
CA PHE A 112 -15.87 13.81 33.10
C PHE A 112 -14.79 12.74 33.01
N ARG A 113 -15.09 11.58 33.58
CA ARG A 113 -14.18 10.45 33.60
C ARG A 113 -13.77 10.00 32.18
N HIS A 114 -14.64 10.23 31.21
CA HIS A 114 -14.36 9.88 29.81
C HIS A 114 -13.10 10.62 29.36
N THR A 115 -12.88 11.79 29.95
CA THR A 115 -11.73 12.63 29.61
C THR A 115 -10.42 11.86 29.71
N ASP A 116 -10.34 10.94 30.65
CA ASP A 116 -9.11 10.17 30.80
C ASP A 116 -8.84 9.31 29.56
N ASN A 117 -9.91 8.86 28.88
CA ASN A 117 -9.74 8.04 27.69
C ASN A 117 -9.00 8.83 26.61
N VAL A 118 -9.42 10.07 26.39
CA VAL A 118 -8.78 10.93 25.41
C VAL A 118 -7.31 11.15 25.80
N ILE A 119 -7.08 11.27 27.10
CA ILE A 119 -5.73 11.48 27.62
C ILE A 119 -4.84 10.26 27.37
N GLN A 120 -5.41 9.06 27.47
CA GLN A 120 -4.62 7.85 27.23
C GLN A 120 -4.17 7.85 25.77
N TRP A 121 -5.08 8.24 24.88
CA TRP A 121 -4.78 8.31 23.45
C TRP A 121 -3.65 9.28 23.20
N LEU A 122 -3.72 10.46 23.81
CA LEU A 122 -2.68 11.45 23.64
C LEU A 122 -1.35 10.86 24.11
N ASN A 123 -1.36 10.20 25.27
CA ASN A 123 -0.16 9.59 25.80
C ASN A 123 0.37 8.50 24.86
N ALA A 124 -0.54 7.73 24.27
CA ALA A 124 -0.12 6.67 23.36
C ALA A 124 0.66 7.29 22.20
N MET A 125 0.10 8.35 21.62
CA MET A 125 0.75 9.04 20.50
C MET A 125 2.09 9.66 20.90
N ASP A 126 2.20 10.11 22.14
CA ASP A 126 3.45 10.70 22.62
C ASP A 126 4.49 9.59 22.67
N GLU A 127 4.06 8.43 23.15
CA GLU A 127 4.89 7.25 23.27
C GLU A 127 5.48 6.82 21.94
N ILE A 128 4.63 6.69 20.92
CA ILE A 128 5.11 6.26 19.60
C ILE A 128 5.82 7.33 18.78
N GLY A 129 5.89 8.54 19.31
CA GLY A 129 6.59 9.59 18.57
C GLY A 129 5.85 10.47 17.57
N LEU A 130 4.52 10.39 17.49
CA LEU A 130 3.82 11.27 16.56
C LEU A 130 4.13 12.72 16.98
N PRO A 131 4.63 13.55 16.04
CA PRO A 131 4.94 14.95 16.39
C PRO A 131 3.77 15.64 17.10
N LYS A 132 4.09 16.39 18.14
CA LYS A 132 3.09 17.10 18.93
C LYS A 132 2.16 17.99 18.14
N ILE A 133 2.67 18.62 17.09
CA ILE A 133 1.83 19.55 16.33
C ILE A 133 0.46 19.03 15.92
N PHE A 134 0.33 17.73 15.66
CA PHE A 134 -0.95 17.20 15.21
C PHE A 134 -1.98 16.98 16.32
N TYR A 135 -1.55 16.99 17.58
CA TYR A 135 -2.44 16.73 18.70
C TYR A 135 -3.55 17.73 18.98
N PRO A 136 -4.78 17.24 19.12
CA PRO A 136 -5.86 18.18 19.42
C PRO A 136 -5.76 18.27 20.94
N GLU A 137 -6.60 19.11 21.55
CA GLU A 137 -6.59 19.23 23.01
C GLU A 137 -7.78 18.44 23.51
N THR A 138 -7.74 18.01 24.76
CA THR A 138 -8.86 17.22 25.27
C THR A 138 -10.20 17.90 25.03
N THR A 139 -10.25 19.21 25.27
CA THR A 139 -11.50 19.93 25.08
C THR A 139 -11.96 19.90 23.61
N ASP A 140 -11.01 19.84 22.67
CA ASP A 140 -11.37 19.79 21.26
C ASP A 140 -12.22 18.57 20.93
N ILE A 141 -12.00 17.46 21.62
CA ILE A 141 -12.81 16.29 21.31
C ILE A 141 -13.91 16.06 22.36
N TYR A 142 -13.57 16.08 23.64
CA TYR A 142 -14.58 15.87 24.69
C TYR A 142 -15.72 16.89 24.59
N ASP A 143 -15.38 18.17 24.57
CA ASP A 143 -16.38 19.24 24.46
C ASP A 143 -16.71 19.52 23.00
N ARG A 144 -16.14 18.71 22.11
CA ARG A 144 -16.35 18.87 20.68
C ARG A 144 -16.06 20.30 20.23
N LYS A 145 -15.07 20.91 20.86
CA LYS A 145 -14.72 22.27 20.53
C LYS A 145 -14.05 22.33 19.15
N ASN A 146 -13.41 21.23 18.73
CA ASN A 146 -12.74 21.20 17.42
C ASN A 146 -12.49 19.76 16.98
N MET A 147 -13.56 19.06 16.61
CA MET A 147 -13.44 17.68 16.18
C MET A 147 -12.63 17.53 14.89
N PRO A 148 -12.77 18.46 13.94
CA PRO A 148 -11.98 18.29 12.73
C PRO A 148 -10.49 18.16 13.06
N ARG A 149 -10.04 18.93 14.04
CA ARG A 149 -8.63 18.88 14.43
C ARG A 149 -8.31 17.45 14.89
N CYS A 150 -9.28 16.79 15.51
CA CYS A 150 -9.10 15.41 15.95
C CYS A 150 -9.04 14.47 14.72
N ILE A 151 -9.90 14.70 13.73
CA ILE A 151 -9.90 13.86 12.52
C ILE A 151 -8.59 14.00 11.75
N TYR A 152 -8.11 15.24 11.60
CA TYR A 152 -6.85 15.48 10.89
C TYR A 152 -5.71 14.79 11.61
N CYS A 153 -5.77 14.78 12.94
CA CYS A 153 -4.74 14.13 13.74
C CYS A 153 -4.80 12.61 13.49
N ILE A 154 -6.01 12.08 13.37
CA ILE A 154 -6.16 10.65 13.12
C ILE A 154 -5.49 10.35 11.79
N HIS A 155 -5.71 11.20 10.78
CA HIS A 155 -5.09 10.99 9.48
C HIS A 155 -3.56 11.06 9.50
N ALA A 156 -3.00 11.91 10.35
CA ALA A 156 -1.54 12.02 10.44
C ALA A 156 -0.99 10.81 11.20
N LEU A 157 -1.71 10.38 12.23
CA LEU A 157 -1.29 9.21 13.02
C LEU A 157 -1.31 8.01 12.08
N SER A 158 -2.33 7.92 11.24
CA SER A 158 -2.46 6.82 10.29
C SER A 158 -1.24 6.80 9.37
N LEU A 159 -0.91 7.95 8.78
CA LEU A 159 0.24 8.04 7.90
C LEU A 159 1.53 7.67 8.63
N TYR A 160 1.67 8.11 9.88
CA TYR A 160 2.87 7.84 10.66
C TYR A 160 2.95 6.37 11.04
N LEU A 161 1.81 5.78 11.33
CA LEU A 161 1.76 4.38 11.71
C LEU A 161 2.07 3.53 10.47
N PHE A 162 1.48 3.88 9.33
CA PHE A 162 1.72 3.13 8.11
C PHE A 162 3.23 3.19 7.81
N CYS A 163 3.84 4.32 8.13
CA CYS A 163 5.27 4.50 7.92
C CYS A 163 6.07 3.48 8.69
N LEU A 164 5.74 3.36 9.97
CA LEU A 164 6.41 2.44 10.86
C LEU A 164 5.92 1.02 10.67
N GLY A 165 5.07 0.81 9.67
CA GLY A 165 4.53 -0.52 9.42
C GLY A 165 3.76 -1.07 10.60
N LEU A 166 3.07 -0.20 11.34
CA LEU A 166 2.31 -0.64 12.49
C LEU A 166 0.80 -0.63 12.25
N ALA A 167 0.38 -0.18 11.08
CA ALA A 167 -1.04 -0.15 10.77
C ALA A 167 -1.22 -0.11 9.27
N PRO A 168 -2.40 -0.50 8.80
CA PRO A 168 -2.62 -0.47 7.35
C PRO A 168 -2.82 0.97 6.88
N GLN A 169 -2.58 1.18 5.60
CA GLN A 169 -2.74 2.49 4.99
C GLN A 169 -4.19 2.92 4.96
N ILE A 170 -4.44 4.17 5.33
CA ILE A 170 -5.80 4.66 5.33
C ILE A 170 -6.18 4.81 3.85
N GLN A 171 -7.46 4.60 3.55
CA GLN A 171 -7.94 4.70 2.17
C GLN A 171 -8.16 6.12 1.71
N ASP A 172 -8.27 6.27 0.40
CA ASP A 172 -8.50 7.56 -0.23
C ASP A 172 -9.85 7.44 -0.92
N LEU A 173 -10.90 7.93 -0.27
CA LEU A 173 -12.24 7.82 -0.83
C LEU A 173 -12.79 9.10 -1.40
N TYR A 174 -11.95 10.11 -1.57
CA TYR A 174 -12.42 11.40 -2.08
C TYR A 174 -13.61 11.35 -3.03
N GLY A 175 -13.39 10.87 -4.25
CA GLY A 175 -14.50 10.83 -5.18
C GLY A 175 -15.17 9.48 -5.30
N LYS A 176 -14.72 8.51 -4.52
CA LYS A 176 -15.26 7.16 -4.56
C LYS A 176 -16.62 7.01 -3.86
N VAL A 177 -16.77 7.64 -2.70
CA VAL A 177 -18.01 7.55 -1.93
C VAL A 177 -18.99 8.70 -2.21
N ASP A 178 -20.26 8.48 -1.92
CA ASP A 178 -21.24 9.53 -2.10
C ASP A 178 -22.10 9.61 -0.85
N PHE A 179 -22.75 10.76 -0.69
CA PHE A 179 -23.63 10.98 0.43
C PHE A 179 -24.89 11.61 -0.13
N THR A 180 -25.96 11.59 0.63
CA THR A 180 -27.21 12.17 0.17
C THR A 180 -27.12 13.69 0.29
N GLU A 181 -28.08 14.38 -0.30
CA GLU A 181 -28.16 15.82 -0.21
C GLU A 181 -28.27 16.14 1.26
N GLU A 182 -29.25 15.52 1.90
CA GLU A 182 -29.53 15.67 3.32
C GLU A 182 -28.28 15.63 4.18
N GLU A 183 -27.46 14.60 3.96
CA GLU A 183 -26.25 14.44 4.74
C GLU A 183 -25.27 15.56 4.54
N ILE A 184 -25.14 16.00 3.29
CA ILE A 184 -24.23 17.09 2.95
C ILE A 184 -24.73 18.40 3.55
N ASN A 185 -26.04 18.63 3.47
CA ASN A 185 -26.62 19.84 4.05
C ASN A 185 -26.34 19.84 5.55
N ASN A 186 -26.66 18.74 6.21
CA ASN A 186 -26.46 18.66 7.65
C ASN A 186 -25.02 19.00 8.01
N MET A 187 -24.07 18.42 7.28
CA MET A 187 -22.66 18.65 7.54
C MET A 187 -22.30 20.09 7.22
N LYS A 188 -22.94 20.64 6.19
CA LYS A 188 -22.68 22.01 5.77
C LYS A 188 -23.03 23.00 6.88
N THR A 189 -24.25 22.93 7.38
CA THR A 189 -24.68 23.84 8.42
C THR A 189 -23.98 23.57 9.75
N GLU A 190 -23.57 22.32 9.96
CA GLU A 190 -22.87 21.96 11.18
C GLU A 190 -21.48 22.58 11.11
N LEU A 191 -20.93 22.63 9.91
CA LEU A 191 -19.61 23.20 9.68
C LEU A 191 -19.60 24.71 9.79
N GLU A 192 -20.74 25.33 9.49
CA GLU A 192 -20.87 26.79 9.54
C GLU A 192 -20.76 27.35 10.95
N LYS A 193 -21.84 27.31 11.71
CA LYS A 193 -21.76 27.82 13.08
C LYS A 193 -21.93 26.66 14.06
N ALA B 30 -7.63 34.30 38.34
CA ALA B 30 -8.37 33.06 37.94
C ALA B 30 -8.98 33.22 36.56
N GLU B 31 -9.66 34.34 36.32
CA GLU B 31 -10.26 34.60 35.03
C GLU B 31 -9.13 34.89 34.04
N GLU B 32 -7.98 35.29 34.60
CA GLU B 32 -6.79 35.60 33.82
C GLU B 32 -6.25 34.36 33.11
N MET B 33 -6.65 33.19 33.60
CA MET B 33 -6.22 31.91 33.05
C MET B 33 -6.36 31.84 31.53
N ASP B 34 -7.51 32.25 31.03
CA ASP B 34 -7.76 32.23 29.59
C ASP B 34 -6.72 32.99 28.80
N GLU B 35 -6.22 34.08 29.35
CA GLU B 35 -5.21 34.89 28.67
C GLU B 35 -3.89 34.12 28.54
N ARG B 36 -3.50 33.42 29.59
CA ARG B 36 -2.25 32.66 29.55
C ARG B 36 -2.39 31.59 28.48
N ARG B 37 -3.58 31.00 28.39
CA ARG B 37 -3.88 29.97 27.40
C ARG B 37 -3.62 30.48 26.00
N ARG B 38 -4.24 31.61 25.67
CA ARG B 38 -4.11 32.24 24.37
C ARG B 38 -2.65 32.51 24.08
N GLN B 39 -1.90 32.83 25.13
CA GLN B 39 -0.47 33.12 25.03
C GLN B 39 0.28 31.84 24.68
N ASN B 40 -0.13 30.75 25.33
CA ASN B 40 0.50 29.45 25.13
C ASN B 40 0.28 28.97 23.70
N VAL B 41 -0.93 29.18 23.20
CA VAL B 41 -1.25 28.78 21.83
C VAL B 41 -0.32 29.51 20.85
N ALA B 42 -0.11 30.80 21.09
CA ALA B 42 0.74 31.60 20.21
C ALA B 42 2.19 31.12 20.28
N TYR B 43 2.65 30.86 21.50
CA TYR B 43 4.00 30.39 21.73
C TYR B 43 4.24 29.09 21.00
N GLU B 44 3.30 28.16 21.15
CA GLU B 44 3.38 26.86 20.51
C GLU B 44 3.52 27.02 19.00
N TYR B 45 2.62 27.81 18.42
CA TYR B 45 2.65 28.02 16.98
C TYR B 45 4.00 28.59 16.49
N LEU B 46 4.56 29.52 17.27
CA LEU B 46 5.84 30.12 16.93
C LEU B 46 6.92 29.06 16.88
N CYS B 47 6.84 28.09 17.78
CA CYS B 47 7.82 27.01 17.81
C CYS B 47 7.68 26.16 16.54
N HIS B 48 6.45 25.87 16.12
CA HIS B 48 6.27 25.05 14.92
C HIS B 48 6.67 25.80 13.67
N LEU B 49 6.63 27.13 13.73
CA LEU B 49 7.06 27.93 12.58
C LEU B 49 8.57 27.81 12.54
N GLU B 50 9.18 27.96 13.71
CA GLU B 50 10.64 27.87 13.83
C GLU B 50 11.12 26.50 13.32
N GLU B 51 10.37 25.45 13.63
CA GLU B 51 10.72 24.10 13.20
C GLU B 51 10.59 24.00 11.67
N ALA B 52 9.49 24.51 11.12
CA ALA B 52 9.29 24.47 9.68
C ALA B 52 10.40 25.26 9.01
N LYS B 53 10.73 26.41 9.58
CA LYS B 53 11.78 27.27 9.04
C LYS B 53 13.11 26.51 8.97
N ARG B 54 13.55 25.98 10.10
CA ARG B 54 14.82 25.26 10.11
C ARG B 54 14.86 24.07 9.17
N TRP B 55 13.77 23.31 9.13
CA TRP B 55 13.71 22.14 8.27
C TRP B 55 13.86 22.55 6.80
N MET B 56 13.11 23.54 6.36
CA MET B 56 13.21 23.98 4.98
C MET B 56 14.60 24.49 4.63
N GLU B 57 15.24 25.17 5.57
CA GLU B 57 16.58 25.67 5.35
C GLU B 57 17.54 24.50 5.21
N ALA B 58 17.31 23.45 6.00
CA ALA B 58 18.15 22.27 5.92
C ALA B 58 18.00 21.61 4.55
N CYS B 59 16.77 21.57 4.04
CA CYS B 59 16.48 20.97 2.75
C CYS B 59 16.96 21.80 1.56
N LEU B 60 16.74 23.11 1.64
CA LEU B 60 17.10 24.01 0.54
C LEU B 60 18.55 24.50 0.54
N GLY B 61 19.23 24.40 1.68
CA GLY B 61 20.60 24.86 1.74
C GLY B 61 20.73 26.37 1.65
N GLU B 62 19.64 27.08 1.90
CA GLU B 62 19.65 28.54 1.89
C GLU B 62 18.78 29.03 3.04
N ASP B 63 19.03 30.25 3.48
CA ASP B 63 18.28 30.84 4.58
C ASP B 63 16.88 31.28 4.17
N LEU B 64 15.94 31.18 5.11
CA LEU B 64 14.56 31.62 4.90
C LEU B 64 14.34 32.81 5.82
N PRO B 65 13.25 33.56 5.64
CA PRO B 65 13.06 34.70 6.53
C PRO B 65 12.98 34.37 8.01
N PRO B 66 13.06 35.39 8.87
CA PRO B 66 12.99 35.21 10.33
C PRO B 66 11.68 34.52 10.69
N THR B 67 11.73 33.64 11.68
CA THR B 67 10.57 32.90 12.11
C THR B 67 9.33 33.78 12.23
N THR B 68 9.49 34.97 12.79
CA THR B 68 8.39 35.93 12.96
C THR B 68 7.80 36.47 11.64
N GLU B 69 8.54 36.34 10.55
CA GLU B 69 8.07 36.84 9.27
C GLU B 69 7.89 35.73 8.23
N LEU B 70 8.07 34.48 8.66
CA LEU B 70 7.97 33.32 7.76
C LEU B 70 6.67 33.20 6.99
N GLU B 71 5.54 33.36 7.67
CA GLU B 71 4.24 33.25 7.03
C GLU B 71 4.11 34.18 5.85
N GLU B 72 4.45 35.45 6.07
CA GLU B 72 4.37 36.43 5.00
C GLU B 72 5.39 36.03 3.94
N GLY B 73 6.51 35.48 4.39
CA GLY B 73 7.58 35.09 3.50
C GLY B 73 7.34 33.84 2.66
N LEU B 74 6.20 33.18 2.85
CA LEU B 74 5.92 31.98 2.08
C LEU B 74 4.85 32.27 1.05
N ARG B 75 4.19 33.41 1.21
CA ARG B 75 3.12 33.82 0.33
C ARG B 75 3.37 33.77 -1.19
N ASN B 76 4.54 34.21 -1.65
CA ASN B 76 4.78 34.20 -3.10
C ASN B 76 5.10 32.82 -3.65
N GLY B 77 5.04 31.81 -2.77
CA GLY B 77 5.28 30.42 -3.17
C GLY B 77 6.64 30.01 -3.66
N VAL B 78 7.61 30.92 -3.66
CA VAL B 78 8.94 30.60 -4.14
C VAL B 78 9.64 29.51 -3.33
N TYR B 79 9.70 29.67 -2.02
CA TYR B 79 10.34 28.67 -1.17
C TYR B 79 9.64 27.33 -1.28
N LEU B 80 8.31 27.35 -1.34
CA LEU B 80 7.55 26.11 -1.45
C LEU B 80 7.87 25.40 -2.78
N ALA B 81 7.99 26.17 -3.85
CA ALA B 81 8.31 25.60 -5.17
C ALA B 81 9.71 24.99 -5.15
N LYS B 82 10.65 25.68 -4.50
CA LYS B 82 12.01 25.17 -4.38
C LYS B 82 11.96 23.87 -3.58
N LEU B 83 11.17 23.86 -2.51
CA LEU B 83 11.04 22.65 -1.70
C LEU B 83 10.47 21.57 -2.61
N GLY B 84 9.54 21.98 -3.48
CA GLY B 84 8.94 21.04 -4.40
C GLY B 84 10.00 20.42 -5.29
N ASN B 85 10.94 21.23 -5.76
CA ASN B 85 12.01 20.74 -6.62
C ASN B 85 12.93 19.79 -5.83
N PHE B 86 13.14 20.09 -4.56
CA PHE B 86 14.01 19.31 -3.69
C PHE B 86 13.60 17.83 -3.59
N PHE B 87 12.31 17.55 -3.56
CA PHE B 87 11.87 16.15 -3.42
C PHE B 87 11.14 15.60 -4.63
N SER B 88 10.87 16.46 -5.61
CA SER B 88 10.19 15.99 -6.83
C SER B 88 10.69 16.78 -8.03
N PRO B 89 12.00 16.71 -8.30
CA PRO B 89 12.56 17.45 -9.44
C PRO B 89 11.93 17.13 -10.78
N LYS B 90 11.32 15.95 -10.88
CA LYS B 90 10.67 15.53 -12.12
C LYS B 90 9.43 16.36 -12.41
N VAL B 91 8.83 16.92 -11.36
CA VAL B 91 7.60 17.73 -11.52
C VAL B 91 7.86 19.22 -11.42
N VAL B 92 8.86 19.59 -10.65
CA VAL B 92 9.15 21.00 -10.46
C VAL B 92 10.53 21.43 -10.94
N SER B 93 10.56 22.08 -12.09
CA SER B 93 11.81 22.58 -12.64
C SER B 93 12.08 23.96 -12.02
N LEU B 94 13.29 24.15 -11.49
CA LEU B 94 13.64 25.41 -10.87
C LEU B 94 13.53 26.56 -11.84
N LYS B 95 13.87 26.31 -13.09
CA LYS B 95 13.85 27.35 -14.10
C LYS B 95 12.45 27.74 -14.53
N LYS B 96 11.44 27.04 -14.05
CA LYS B 96 10.07 27.39 -14.42
C LYS B 96 9.37 28.08 -13.26
N ILE B 97 10.09 28.36 -12.18
CA ILE B 97 9.50 29.04 -11.02
C ILE B 97 9.42 30.54 -11.31
N TYR B 98 8.26 31.14 -11.08
CA TYR B 98 8.08 32.57 -11.32
C TYR B 98 8.80 33.38 -10.25
N ASP B 99 9.45 34.47 -10.67
CA ASP B 99 10.18 35.34 -9.75
C ASP B 99 10.96 34.50 -8.74
N ARG B 100 11.77 33.58 -9.25
CA ARG B 100 12.57 32.67 -8.45
C ARG B 100 13.50 33.34 -7.44
N GLU B 101 14.09 34.46 -7.82
CA GLU B 101 15.00 35.15 -6.92
C GLU B 101 14.23 36.10 -6.03
N GLN B 102 12.92 36.16 -6.24
CA GLN B 102 12.05 37.02 -5.46
C GLN B 102 12.39 38.50 -5.64
N THR B 103 13.01 38.80 -6.78
CA THR B 103 13.38 40.18 -7.10
C THR B 103 12.13 41.02 -7.27
N ARG B 104 11.16 40.51 -8.02
CA ARG B 104 9.92 41.22 -8.23
C ARG B 104 9.24 41.42 -6.88
N TYR B 105 9.24 40.37 -6.07
CA TYR B 105 8.61 40.41 -4.77
C TYR B 105 9.18 41.50 -3.86
N LYS B 106 10.50 41.62 -3.78
CA LYS B 106 11.12 42.64 -2.95
C LYS B 106 10.80 44.03 -3.50
N ALA B 107 10.84 44.17 -4.83
CA ALA B 107 10.54 45.45 -5.48
C ALA B 107 9.06 45.77 -5.30
N THR B 108 8.21 45.14 -6.09
CA THR B 108 6.77 45.33 -5.98
C THR B 108 6.39 44.37 -4.86
N GLY B 109 5.15 43.88 -4.85
CA GLY B 109 4.77 42.94 -3.81
C GLY B 109 4.37 41.61 -4.40
N LEU B 110 3.30 41.02 -3.86
CA LEU B 110 2.79 39.75 -4.36
C LEU B 110 2.23 39.97 -5.75
N HIS B 111 2.47 39.01 -6.65
CA HIS B 111 1.94 39.13 -8.00
C HIS B 111 1.18 37.84 -8.28
N PHE B 112 0.09 37.95 -9.03
CA PHE B 112 -0.73 36.79 -9.34
C PHE B 112 0.05 35.58 -9.83
N ARG B 113 1.02 35.83 -10.70
CA ARG B 113 1.84 34.74 -11.24
C ARG B 113 2.49 33.90 -10.14
N HIS B 114 2.79 34.52 -9.00
CA HIS B 114 3.39 33.81 -7.86
C HIS B 114 2.51 32.60 -7.52
N THR B 115 1.22 32.72 -7.81
CA THR B 115 0.27 31.65 -7.54
C THR B 115 0.70 30.34 -8.17
N ASP B 116 1.36 30.41 -9.32
CA ASP B 116 1.79 29.19 -9.98
C ASP B 116 2.85 28.47 -9.15
N ASN B 117 3.65 29.22 -8.39
CA ASN B 117 4.66 28.59 -7.56
C ASN B 117 4.03 27.68 -6.50
N VAL B 118 2.96 28.15 -5.89
CA VAL B 118 2.26 27.40 -4.88
C VAL B 118 1.66 26.15 -5.51
N ILE B 119 1.17 26.31 -6.74
CA ILE B 119 0.57 25.22 -7.49
C ILE B 119 1.62 24.15 -7.84
N GLN B 120 2.85 24.56 -8.12
CA GLN B 120 3.89 23.59 -8.42
C GLN B 120 4.14 22.74 -7.18
N TRP B 121 4.16 23.40 -6.02
CA TRP B 121 4.38 22.71 -4.75
C TRP B 121 3.28 21.69 -4.52
N LEU B 122 2.04 22.10 -4.73
CA LEU B 122 0.91 21.18 -4.55
C LEU B 122 1.10 19.99 -5.48
N ASN B 123 1.47 20.25 -6.73
CA ASN B 123 1.68 19.17 -7.69
C ASN B 123 2.82 18.26 -7.27
N ALA B 124 3.87 18.83 -6.70
CA ALA B 124 5.00 18.05 -6.25
C ALA B 124 4.52 17.05 -5.19
N MET B 125 3.75 17.54 -4.24
CA MET B 125 3.22 16.72 -3.15
C MET B 125 2.27 15.63 -3.67
N ASP B 126 1.52 15.95 -4.71
CA ASP B 126 0.60 14.99 -5.30
C ASP B 126 1.44 13.86 -5.92
N GLU B 127 2.53 14.24 -6.58
CA GLU B 127 3.43 13.29 -7.21
C GLU B 127 4.03 12.30 -6.21
N ILE B 128 4.55 12.77 -5.08
CA ILE B 128 5.15 11.82 -4.12
C ILE B 128 4.12 11.09 -3.29
N GLY B 129 2.84 11.41 -3.47
CA GLY B 129 1.80 10.72 -2.72
C GLY B 129 1.41 11.21 -1.32
N LEU B 130 1.75 12.45 -0.96
CA LEU B 130 1.32 12.93 0.36
C LEU B 130 -0.20 13.00 0.29
N PRO B 131 -0.89 12.40 1.27
CA PRO B 131 -2.36 12.43 1.28
C PRO B 131 -2.95 13.85 1.12
N LYS B 132 -3.85 14.01 0.15
CA LYS B 132 -4.47 15.29 -0.13
C LYS B 132 -5.11 16.04 1.03
N ILE B 133 -5.51 15.33 2.08
CA ILE B 133 -6.17 15.99 3.21
C ILE B 133 -5.32 17.10 3.85
N PHE B 134 -4.00 16.97 3.75
CA PHE B 134 -3.10 17.95 4.34
C PHE B 134 -2.89 19.20 3.50
N TYR B 135 -3.34 19.18 2.25
CA TYR B 135 -3.12 20.31 1.36
C TYR B 135 -3.91 21.59 1.58
N PRO B 136 -3.21 22.71 1.68
CA PRO B 136 -3.95 23.95 1.86
C PRO B 136 -4.36 24.31 0.44
N GLU B 137 -5.23 25.30 0.29
CA GLU B 137 -5.64 25.74 -1.04
C GLU B 137 -4.70 26.88 -1.41
N THR B 138 -4.57 27.19 -2.70
CA THR B 138 -3.67 28.28 -3.11
C THR B 138 -4.04 29.57 -2.39
N THR B 139 -5.34 29.84 -2.25
CA THR B 139 -5.77 31.05 -1.57
C THR B 139 -5.33 31.09 -0.12
N ASP B 140 -5.24 29.93 0.53
CA ASP B 140 -4.82 29.88 1.93
C ASP B 140 -3.43 30.45 2.13
N ILE B 141 -2.54 30.30 1.14
CA ILE B 141 -1.20 30.84 1.32
C ILE B 141 -1.00 32.15 0.54
N TYR B 142 -1.40 32.21 -0.72
CA TYR B 142 -1.24 33.43 -1.52
C TYR B 142 -1.99 34.61 -0.89
N ASP B 143 -3.27 34.43 -0.63
CA ASP B 143 -4.09 35.46 -0.01
C ASP B 143 -3.98 35.39 1.51
N ARG B 144 -3.12 34.51 1.98
CA ARG B 144 -2.90 34.33 3.41
C ARG B 144 -4.21 34.09 4.14
N LYS B 145 -5.13 33.40 3.48
CA LYS B 145 -6.43 33.12 4.06
C LYS B 145 -6.30 32.10 5.21
N ASN B 146 -5.27 31.27 5.17
CA ASN B 146 -5.06 30.26 6.21
C ASN B 146 -3.63 29.72 6.21
N MET B 147 -2.70 30.57 6.62
CA MET B 147 -1.30 30.19 6.63
C MET B 147 -1.01 29.04 7.60
N PRO B 148 -1.68 29.01 8.75
CA PRO B 148 -1.40 27.91 9.66
C PRO B 148 -1.66 26.55 8.99
N ARG B 149 -2.63 26.53 8.07
CA ARG B 149 -2.97 25.30 7.39
C ARG B 149 -1.77 24.86 6.52
N CYS B 150 -1.03 25.84 6.02
CA CYS B 150 0.13 25.58 5.18
C CYS B 150 1.30 25.09 6.02
N ILE B 151 1.44 25.62 7.23
CA ILE B 151 2.54 25.21 8.13
C ILE B 151 2.29 23.77 8.58
N TYR B 152 1.04 23.48 8.88
CA TYR B 152 0.61 22.16 9.31
C TYR B 152 0.98 21.14 8.23
N CYS B 153 0.66 21.47 6.98
CA CYS B 153 0.95 20.60 5.84
C CYS B 153 2.46 20.46 5.65
N ILE B 154 3.21 21.51 5.99
CA ILE B 154 4.66 21.44 5.86
C ILE B 154 5.17 20.35 6.81
N HIS B 155 4.59 20.30 8.02
CA HIS B 155 4.97 19.30 9.00
C HIS B 155 4.54 17.90 8.59
N ALA B 156 3.37 17.78 7.97
CA ALA B 156 2.91 16.47 7.53
C ALA B 156 3.83 15.98 6.39
N LEU B 157 4.20 16.90 5.50
CA LEU B 157 5.07 16.59 4.40
C LEU B 157 6.44 16.15 4.90
N SER B 158 6.90 16.84 5.95
CA SER B 158 8.20 16.55 6.55
C SER B 158 8.24 15.13 7.09
N LEU B 159 7.20 14.79 7.84
CA LEU B 159 7.11 13.47 8.43
C LEU B 159 7.14 12.40 7.32
N TYR B 160 6.35 12.63 6.28
CA TYR B 160 6.24 11.73 5.15
C TYR B 160 7.57 11.56 4.43
N LEU B 161 8.18 12.69 4.08
CA LEU B 161 9.46 12.70 3.38
C LEU B 161 10.55 11.97 4.20
N PHE B 162 10.58 12.22 5.50
CA PHE B 162 11.56 11.57 6.38
C PHE B 162 11.38 10.06 6.32
N CYS B 163 10.12 9.67 6.23
CA CYS B 163 9.73 8.28 6.15
C CYS B 163 10.32 7.63 4.87
N LEU B 164 10.25 8.35 3.75
CA LEU B 164 10.78 7.87 2.48
C LEU B 164 12.29 8.08 2.36
N GLY B 165 12.91 8.58 3.42
CA GLY B 165 14.33 8.85 3.40
C GLY B 165 14.70 9.94 2.40
N LEU B 166 13.76 10.82 2.08
CA LEU B 166 14.01 11.91 1.13
C LEU B 166 14.32 13.25 1.80
N ALA B 167 14.40 13.26 3.13
CA ALA B 167 14.70 14.51 3.81
C ALA B 167 15.05 14.28 5.26
N PRO B 168 15.78 15.21 5.86
CA PRO B 168 16.13 15.05 7.27
C PRO B 168 14.87 15.23 8.12
N GLN B 169 14.97 14.83 9.37
CA GLN B 169 13.84 14.92 10.28
C GLN B 169 13.63 16.32 10.84
N ILE B 170 12.38 16.76 10.89
CA ILE B 170 12.10 18.08 11.42
C ILE B 170 12.34 17.99 12.92
N GLN B 171 12.90 19.02 13.52
CA GLN B 171 13.15 18.96 14.96
C GLN B 171 11.97 19.36 15.82
N ASP B 172 12.05 18.98 17.09
CA ASP B 172 11.03 19.29 18.09
C ASP B 172 11.66 20.37 18.95
N LEU B 173 11.21 21.61 18.77
CA LEU B 173 11.77 22.73 19.50
C LEU B 173 10.81 23.29 20.53
N TYR B 174 9.71 22.59 20.77
CA TYR B 174 8.69 23.05 21.72
C TYR B 174 9.19 23.94 22.84
N GLY B 175 9.93 23.39 23.78
CA GLY B 175 10.40 24.22 24.88
C GLY B 175 11.87 24.57 24.82
N LYS B 176 12.48 24.40 23.66
CA LYS B 176 13.89 24.69 23.50
C LYS B 176 14.12 26.08 22.92
N VAL B 177 13.09 26.64 22.32
CA VAL B 177 13.19 27.97 21.70
C VAL B 177 12.36 28.99 22.46
N ASP B 178 12.87 30.21 22.59
CA ASP B 178 12.14 31.26 23.27
C ASP B 178 11.91 32.44 22.36
N PHE B 179 10.89 33.23 22.68
CA PHE B 179 10.55 34.43 21.93
C PHE B 179 10.21 35.51 22.95
N THR B 180 10.27 36.76 22.51
CA THR B 180 9.97 37.88 23.40
C THR B 180 8.49 37.89 23.74
N GLU B 181 8.12 38.67 24.75
CA GLU B 181 6.71 38.79 25.14
C GLU B 181 6.01 39.44 23.97
N GLU B 182 6.66 40.46 23.41
CA GLU B 182 6.13 41.19 22.28
C GLU B 182 5.78 40.23 21.13
N GLU B 183 6.72 39.36 20.78
CA GLU B 183 6.50 38.42 19.68
C GLU B 183 5.32 37.49 19.93
N ILE B 184 5.31 36.84 21.08
CA ILE B 184 4.21 35.95 21.43
C ILE B 184 2.89 36.73 21.34
N ASN B 185 2.92 37.96 21.84
CA ASN B 185 1.74 38.84 21.83
C ASN B 185 1.23 39.16 20.42
N ASN B 186 2.16 39.52 19.53
CA ASN B 186 1.79 39.84 18.15
C ASN B 186 1.14 38.64 17.48
N MET B 187 1.73 37.47 17.68
CA MET B 187 1.20 36.24 17.10
C MET B 187 -0.15 35.91 17.70
N LYS B 188 -0.32 36.21 18.99
CA LYS B 188 -1.56 35.94 19.69
C LYS B 188 -2.73 36.71 19.07
N THR B 189 -2.58 38.02 18.94
CA THR B 189 -3.63 38.85 18.37
C THR B 189 -3.81 38.60 16.88
N GLU B 190 -2.74 38.18 16.21
CA GLU B 190 -2.82 37.89 14.79
C GLU B 190 -3.63 36.61 14.63
N LEU B 191 -3.46 35.70 15.59
CA LEU B 191 -4.16 34.42 15.58
C LEU B 191 -5.64 34.56 15.92
N GLU B 192 -5.98 35.55 16.75
CA GLU B 192 -7.38 35.75 17.14
C GLU B 192 -8.19 36.45 16.06
N LYS B 193 -8.23 37.77 16.08
CA LYS B 193 -8.99 38.51 15.08
C LYS B 193 -8.51 38.11 13.69
N ALA C 30 27.69 -29.25 8.73
CA ALA C 30 27.69 -28.10 7.77
C ALA C 30 27.33 -28.58 6.37
N GLU C 31 27.10 -29.87 6.24
CA GLU C 31 26.75 -30.46 4.96
C GLU C 31 25.26 -30.76 4.96
N GLU C 32 24.78 -31.22 6.11
CA GLU C 32 23.37 -31.57 6.29
C GLU C 32 22.49 -30.33 6.34
N MET C 33 23.10 -29.15 6.29
CA MET C 33 22.34 -27.91 6.33
C MET C 33 21.56 -27.84 5.02
N ASP C 34 22.06 -28.53 4.00
CA ASP C 34 21.40 -28.57 2.71
C ASP C 34 20.16 -29.44 2.83
N GLU C 35 20.20 -30.39 3.77
CA GLU C 35 19.08 -31.29 4.01
C GLU C 35 17.91 -30.51 4.59
N ARG C 36 18.20 -29.60 5.51
CA ARG C 36 17.15 -28.79 6.12
C ARG C 36 16.51 -27.89 5.07
N ARG C 37 17.32 -27.45 4.12
CA ARG C 37 16.85 -26.60 3.02
C ARG C 37 15.73 -27.32 2.31
N ARG C 38 16.02 -28.55 1.89
CA ARG C 38 15.08 -29.41 1.19
C ARG C 38 13.86 -29.65 2.06
N GLN C 39 14.08 -29.71 3.37
CA GLN C 39 13.02 -29.94 4.33
C GLN C 39 12.11 -28.70 4.38
N ASN C 40 12.74 -27.53 4.35
CA ASN C 40 12.02 -26.27 4.40
C ASN C 40 11.14 -26.08 3.18
N VAL C 41 11.66 -26.46 2.02
CA VAL C 41 10.92 -26.37 0.78
C VAL C 41 9.68 -27.24 0.86
N ALA C 42 9.81 -28.43 1.42
CA ALA C 42 8.68 -29.35 1.54
C ALA C 42 7.63 -28.77 2.48
N TYR C 43 8.11 -28.27 3.62
CA TYR C 43 7.26 -27.69 4.64
C TYR C 43 6.43 -26.55 4.06
N GLU C 44 7.13 -25.65 3.36
CA GLU C 44 6.50 -24.50 2.73
C GLU C 44 5.39 -24.95 1.81
N TYR C 45 5.71 -25.89 0.92
CA TYR C 45 4.72 -26.40 -0.02
C TYR C 45 3.49 -27.00 0.68
N LEU C 46 3.72 -27.70 1.79
CA LEU C 46 2.62 -28.29 2.54
C LEU C 46 1.70 -27.20 3.07
N CYS C 47 2.29 -26.07 3.45
CA CYS C 47 1.49 -24.95 3.95
C CYS C 47 0.62 -24.38 2.83
N HIS C 48 1.17 -24.24 1.64
CA HIS C 48 0.38 -23.71 0.53
C HIS C 48 -0.69 -24.68 0.10
N LEU C 49 -0.48 -25.98 0.34
CA LEU C 49 -1.48 -26.97 -0.01
C LEU C 49 -2.60 -26.83 1.01
N GLU C 50 -2.21 -26.72 2.28
CA GLU C 50 -3.16 -26.57 3.38
C GLU C 50 -4.01 -25.31 3.16
N GLU C 51 -3.36 -24.26 2.68
CA GLU C 51 -4.04 -23.00 2.42
C GLU C 51 -5.03 -23.16 1.26
N ALA C 52 -4.58 -23.81 0.19
CA ALA C 52 -5.44 -24.02 -0.97
C ALA C 52 -6.63 -24.88 -0.54
N LYS C 53 -6.34 -25.91 0.26
CA LYS C 53 -7.36 -26.81 0.76
C LYS C 53 -8.43 -26.04 1.52
N ARG C 54 -8.03 -25.28 2.54
CA ARG C 54 -8.99 -24.53 3.33
C ARG C 54 -9.79 -23.53 2.53
N TRP C 55 -9.12 -22.82 1.63
CA TRP C 55 -9.80 -21.83 0.81
C TRP C 55 -10.89 -22.48 -0.06
N MET C 56 -10.57 -23.58 -0.72
CA MET C 56 -11.56 -24.24 -1.58
C MET C 56 -12.74 -24.75 -0.75
N GLU C 57 -12.45 -25.26 0.44
CA GLU C 57 -13.52 -25.73 1.32
C GLU C 57 -14.41 -24.57 1.72
N ALA C 58 -13.80 -23.40 1.93
CA ALA C 58 -14.57 -22.22 2.30
C ALA C 58 -15.48 -21.81 1.16
N CYS C 59 -14.97 -21.90 -0.07
CA CYS C 59 -15.73 -21.54 -1.26
C CYS C 59 -16.82 -22.56 -1.62
N LEU C 60 -16.48 -23.84 -1.55
CA LEU C 60 -17.39 -24.91 -1.92
C LEU C 60 -18.38 -25.35 -0.85
N GLY C 61 -18.09 -25.03 0.41
CA GLY C 61 -18.99 -25.42 1.47
C GLY C 61 -18.98 -26.92 1.73
N GLU C 62 -17.94 -27.61 1.28
CA GLU C 62 -17.82 -29.04 1.50
C GLU C 62 -16.36 -29.36 1.75
N ASP C 63 -16.09 -30.48 2.40
CA ASP C 63 -14.74 -30.89 2.71
C ASP C 63 -13.97 -31.43 1.52
N LEU C 64 -12.66 -31.23 1.52
CA LEU C 64 -11.81 -31.73 0.46
C LEU C 64 -10.88 -32.74 1.13
N PRO C 65 -10.17 -33.56 0.33
CA PRO C 65 -9.29 -34.53 1.00
C PRO C 65 -8.25 -33.93 1.93
N PRO C 66 -7.59 -34.79 2.73
CA PRO C 66 -6.55 -34.35 3.68
C PRO C 66 -5.45 -33.65 2.90
N THR C 67 -4.89 -32.61 3.50
CA THR C 67 -3.83 -31.84 2.87
C THR C 67 -2.78 -32.74 2.20
N THR C 68 -2.39 -33.82 2.89
CA THR C 68 -1.38 -34.75 2.38
C THR C 68 -1.82 -35.55 1.13
N GLU C 69 -3.11 -35.57 0.86
CA GLU C 69 -3.61 -36.31 -0.30
C GLU C 69 -4.33 -35.40 -1.29
N LEU C 70 -4.27 -34.09 -1.05
CA LEU C 70 -4.95 -33.12 -1.91
C LEU C 70 -4.59 -33.17 -3.39
N GLU C 71 -3.29 -33.27 -3.68
CA GLU C 71 -2.82 -33.30 -5.07
C GLU C 71 -3.46 -34.44 -5.85
N GLU C 72 -3.41 -35.63 -5.27
CA GLU C 72 -4.01 -36.78 -5.91
C GLU C 72 -5.50 -36.55 -5.99
N GLY C 73 -6.03 -35.86 -4.98
CA GLY C 73 -7.46 -35.58 -4.89
C GLY C 73 -7.98 -34.53 -5.83
N LEU C 74 -7.10 -33.86 -6.58
CA LEU C 74 -7.56 -32.84 -7.52
C LEU C 74 -7.47 -33.34 -8.95
N ARG C 75 -6.80 -34.48 -9.12
CA ARG C 75 -6.62 -35.07 -10.44
C ARG C 75 -7.85 -35.27 -11.31
N ASN C 76 -8.97 -35.75 -10.75
CA ASN C 76 -10.15 -35.98 -11.59
C ASN C 76 -10.89 -34.72 -11.96
N GLY C 77 -10.35 -33.58 -11.53
CA GLY C 77 -10.92 -32.29 -11.85
C GLY C 77 -12.29 -31.91 -11.29
N VAL C 78 -12.89 -32.77 -10.47
CA VAL C 78 -14.20 -32.50 -9.93
C VAL C 78 -14.25 -31.26 -9.02
N TYR C 79 -13.34 -31.18 -8.07
CA TYR C 79 -13.30 -30.04 -7.16
C TYR C 79 -13.02 -28.77 -7.93
N LEU C 80 -12.09 -28.83 -8.88
CA LEU C 80 -11.77 -27.65 -9.68
C LEU C 80 -12.99 -27.18 -10.47
N ALA C 81 -13.76 -28.12 -11.03
CA ALA C 81 -14.96 -27.78 -11.81
C ALA C 81 -16.03 -27.14 -10.91
N LYS C 82 -16.18 -27.66 -9.70
CA LYS C 82 -17.11 -27.09 -8.73
C LYS C 82 -16.64 -25.67 -8.40
N LEU C 83 -15.34 -25.50 -8.20
CA LEU C 83 -14.80 -24.18 -7.93
C LEU C 83 -15.12 -23.29 -9.13
N GLY C 84 -15.05 -23.89 -10.32
CA GLY C 84 -15.35 -23.14 -11.52
C GLY C 84 -16.80 -22.66 -11.52
N ASN C 85 -17.71 -23.50 -11.03
CA ASN C 85 -19.11 -23.13 -10.95
C ASN C 85 -19.31 -22.03 -9.90
N PHE C 86 -18.53 -22.11 -8.83
CA PHE C 86 -18.60 -21.16 -7.74
C PHE C 86 -18.40 -19.70 -8.15
N PHE C 87 -17.50 -19.45 -9.10
CA PHE C 87 -17.23 -18.07 -9.52
C PHE C 87 -17.60 -17.77 -10.96
N SER C 88 -18.02 -18.78 -11.70
CA SER C 88 -18.43 -18.56 -13.08
C SER C 88 -19.53 -19.56 -13.44
N PRO C 89 -20.63 -19.56 -12.66
CA PRO C 89 -21.75 -20.48 -12.92
C PRO C 89 -22.32 -20.36 -14.34
N LYS C 90 -22.06 -19.23 -14.98
CA LYS C 90 -22.55 -19.02 -16.34
C LYS C 90 -21.79 -19.91 -17.31
N VAL C 91 -20.58 -20.30 -16.93
CA VAL C 91 -19.72 -21.12 -17.77
C VAL C 91 -19.63 -22.59 -17.37
N VAL C 92 -19.72 -22.84 -16.07
CA VAL C 92 -19.64 -24.20 -15.55
C VAL C 92 -20.92 -24.64 -14.87
N SER C 93 -21.65 -25.54 -15.51
CA SER C 93 -22.88 -26.11 -14.98
C SER C 93 -22.48 -27.32 -14.13
N LEU C 94 -22.97 -27.36 -12.89
CA LEU C 94 -22.64 -28.45 -12.00
C LEU C 94 -23.16 -29.76 -12.56
N LYS C 95 -24.27 -29.69 -13.28
CA LYS C 95 -24.86 -30.90 -13.85
C LYS C 95 -24.11 -31.44 -15.05
N LYS C 96 -23.21 -30.66 -15.61
CA LYS C 96 -22.42 -31.11 -16.75
C LYS C 96 -21.05 -31.63 -16.31
N ILE C 97 -20.82 -31.67 -15.00
CA ILE C 97 -19.55 -32.20 -14.50
C ILE C 97 -19.61 -33.72 -14.58
N TYR C 98 -18.53 -34.34 -15.04
CA TYR C 98 -18.48 -35.79 -15.16
C TYR C 98 -18.11 -36.41 -13.83
N ASP C 99 -18.84 -37.44 -13.43
CA ASP C 99 -18.56 -38.13 -12.18
C ASP C 99 -18.47 -37.13 -11.03
N ARG C 100 -19.48 -36.27 -10.97
CA ARG C 100 -19.59 -35.23 -9.95
C ARG C 100 -19.48 -35.71 -8.52
N GLU C 101 -20.01 -36.89 -8.24
CA GLU C 101 -19.95 -37.45 -6.89
C GLU C 101 -18.67 -38.21 -6.69
N GLN C 102 -17.94 -38.40 -7.78
CA GLN C 102 -16.67 -39.12 -7.73
C GLN C 102 -16.83 -40.60 -7.40
N THR C 103 -18.01 -41.14 -7.70
CA THR C 103 -18.26 -42.56 -7.45
C THR C 103 -17.41 -43.40 -8.41
N ARG C 104 -17.40 -43.00 -9.69
CA ARG C 104 -16.63 -43.68 -10.71
C ARG C 104 -15.16 -43.69 -10.30
N TYR C 105 -14.70 -42.54 -9.81
CA TYR C 105 -13.32 -42.37 -9.37
C TYR C 105 -12.94 -43.26 -8.18
N LYS C 106 -13.81 -43.36 -7.18
CA LYS C 106 -13.52 -44.18 -6.02
C LYS C 106 -13.50 -45.65 -6.42
N ALA C 107 -14.45 -46.03 -7.27
CA ALA C 107 -14.56 -47.42 -7.76
C ALA C 107 -13.35 -47.73 -8.65
N THR C 108 -13.40 -47.28 -9.89
CA THR C 108 -12.30 -47.47 -10.82
C THR C 108 -11.36 -46.33 -10.46
N GLY C 109 -10.54 -45.88 -11.40
CA GLY C 109 -9.65 -44.77 -11.10
C GLY C 109 -9.93 -43.56 -11.97
N LEU C 110 -8.89 -42.90 -12.44
CA LEU C 110 -9.05 -41.76 -13.32
C LEU C 110 -9.62 -42.24 -14.66
N HIS C 111 -10.53 -41.48 -15.24
CA HIS C 111 -11.10 -41.84 -16.52
C HIS C 111 -10.92 -40.66 -17.45
N PHE C 112 -10.66 -40.92 -18.73
CA PHE C 112 -10.44 -39.85 -19.70
C PHE C 112 -11.48 -38.74 -19.62
N ARG C 113 -12.71 -39.12 -19.35
CA ARG C 113 -13.82 -38.18 -19.25
C ARG C 113 -13.65 -37.12 -18.14
N HIS C 114 -12.87 -37.46 -17.12
CA HIS C 114 -12.58 -36.54 -16.00
C HIS C 114 -11.85 -35.31 -16.57
N THR C 115 -11.14 -35.51 -17.67
CA THR C 115 -10.40 -34.42 -18.31
C THR C 115 -11.29 -33.23 -18.61
N ASP C 116 -12.55 -33.48 -18.94
CA ASP C 116 -13.44 -32.39 -19.25
C ASP C 116 -13.65 -31.50 -18.02
N ASN C 117 -13.60 -32.09 -16.83
CA ASN C 117 -13.77 -31.30 -15.60
C ASN C 117 -12.68 -30.24 -15.48
N VAL C 118 -11.45 -30.65 -15.74
CA VAL C 118 -10.33 -29.73 -15.67
C VAL C 118 -10.51 -28.64 -16.71
N ILE C 119 -11.04 -29.01 -17.86
CA ILE C 119 -11.26 -28.09 -18.95
C ILE C 119 -12.35 -27.05 -18.58
N GLN C 120 -13.36 -27.48 -17.85
CA GLN C 120 -14.41 -26.55 -17.45
C GLN C 120 -13.78 -25.49 -16.53
N TRP C 121 -12.92 -25.93 -15.63
CA TRP C 121 -12.24 -25.03 -14.71
C TRP C 121 -11.41 -24.01 -15.48
N LEU C 122 -10.63 -24.48 -16.45
CA LEU C 122 -9.83 -23.59 -17.26
C LEU C 122 -10.73 -22.57 -17.94
N ASN C 123 -11.85 -23.03 -18.50
CA ASN C 123 -12.78 -22.13 -19.17
C ASN C 123 -13.38 -21.12 -18.19
N ALA C 124 -13.66 -21.57 -16.97
CA ALA C 124 -14.22 -20.68 -15.97
C ALA C 124 -13.24 -19.54 -15.72
N MET C 125 -11.96 -19.88 -15.55
CA MET C 125 -10.93 -18.88 -15.30
C MET C 125 -10.74 -17.94 -16.49
N ASP C 126 -10.94 -18.45 -17.69
CA ASP C 126 -10.80 -17.63 -18.89
C ASP C 126 -11.93 -16.60 -18.87
N GLU C 127 -13.11 -17.04 -18.45
CA GLU C 127 -14.28 -16.19 -18.37
C GLU C 127 -14.08 -15.00 -17.42
N ILE C 128 -13.70 -15.27 -16.18
CA ILE C 128 -13.52 -14.19 -15.20
C ILE C 128 -12.31 -13.31 -15.44
N GLY C 129 -11.43 -13.73 -16.34
CA GLY C 129 -10.27 -12.92 -16.67
C GLY C 129 -8.93 -13.23 -16.01
N LEU C 130 -8.79 -14.36 -15.32
CA LEU C 130 -7.49 -14.65 -14.73
C LEU C 130 -6.45 -14.69 -15.86
N PRO C 131 -5.34 -13.97 -15.69
CA PRO C 131 -4.31 -13.99 -16.74
C PRO C 131 -3.86 -15.42 -17.10
N LYS C 132 -3.95 -15.75 -18.39
CA LYS C 132 -3.59 -17.08 -18.87
C LYS C 132 -2.25 -17.62 -18.42
N ILE C 133 -1.32 -16.75 -18.07
CA ILE C 133 0.00 -17.24 -17.66
C ILE C 133 -0.04 -18.23 -16.50
N PHE C 134 -1.03 -18.12 -15.61
CA PHE C 134 -1.09 -19.02 -14.47
C PHE C 134 -1.69 -20.40 -14.75
N TYR C 135 -2.39 -20.54 -15.86
CA TYR C 135 -3.03 -21.81 -16.18
C TYR C 135 -2.13 -23.01 -16.38
N PRO C 136 -2.45 -24.10 -15.71
CA PRO C 136 -1.64 -25.31 -15.86
C PRO C 136 -2.28 -25.95 -17.09
N GLU C 137 -1.67 -26.99 -17.63
CA GLU C 137 -2.26 -27.67 -18.77
C GLU C 137 -3.06 -28.83 -18.20
N THR C 138 -3.95 -29.40 -19.00
CA THR C 138 -4.75 -30.51 -18.50
C THR C 138 -3.86 -31.65 -18.03
N THR C 139 -2.81 -31.94 -18.78
CA THR C 139 -1.92 -33.04 -18.41
C THR C 139 -1.23 -32.78 -17.07
N ASP C 140 -0.95 -31.51 -16.76
CA ASP C 140 -0.29 -31.18 -15.49
C ASP C 140 -1.10 -31.63 -14.28
N ILE C 141 -2.41 -31.63 -14.40
CA ILE C 141 -3.20 -32.06 -13.24
C ILE C 141 -3.74 -33.48 -13.42
N TYR C 142 -4.34 -33.79 -14.57
CA TYR C 142 -4.89 -35.13 -14.80
C TYR C 142 -3.82 -36.20 -14.69
N ASP C 143 -2.73 -36.05 -15.43
CA ASP C 143 -1.61 -36.99 -15.38
C ASP C 143 -0.65 -36.63 -14.28
N ARG C 144 -1.03 -35.63 -13.47
CA ARG C 144 -0.20 -35.17 -12.37
C ARG C 144 1.22 -34.89 -12.83
N LYS C 145 1.36 -34.36 -14.04
CA LYS C 145 2.66 -34.04 -14.58
C LYS C 145 3.26 -32.83 -13.88
N ASN C 146 2.42 -31.96 -13.31
CA ASN C 146 2.90 -30.77 -12.62
C ASN C 146 1.82 -30.18 -11.70
N MET C 147 1.51 -30.89 -10.62
CA MET C 147 0.48 -30.43 -9.70
C MET C 147 0.83 -29.10 -9.03
N PRO C 148 2.12 -28.91 -8.67
CA PRO C 148 2.45 -27.63 -8.05
C PRO C 148 2.02 -26.45 -8.93
N ARG C 149 2.05 -26.65 -10.24
CA ARG C 149 1.66 -25.58 -11.17
C ARG C 149 0.16 -25.31 -10.95
N CYS C 150 -0.58 -26.36 -10.64
CA CYS C 150 -2.01 -26.26 -10.38
C CYS C 150 -2.23 -25.49 -9.05
N ILE C 151 -1.49 -25.85 -8.02
CA ILE C 151 -1.60 -25.21 -6.70
C ILE C 151 -1.31 -23.72 -6.79
N TYR C 152 -0.23 -23.36 -7.50
CA TYR C 152 0.14 -21.97 -7.64
C TYR C 152 -0.94 -21.23 -8.40
N CYS C 153 -1.54 -21.91 -9.37
CA CYS C 153 -2.60 -21.28 -10.14
C CYS C 153 -3.79 -20.99 -9.24
N ILE C 154 -4.10 -21.93 -8.34
CA ILE C 154 -5.21 -21.76 -7.41
C ILE C 154 -4.97 -20.54 -6.53
N HIS C 155 -3.75 -20.41 -6.03
CA HIS C 155 -3.41 -19.26 -5.19
C HIS C 155 -3.53 -17.92 -5.94
N ALA C 156 -3.31 -17.92 -7.24
CA ALA C 156 -3.40 -16.67 -8.02
C ALA C 156 -4.88 -16.32 -8.28
N LEU C 157 -5.66 -17.37 -8.52
CA LEU C 157 -7.08 -17.26 -8.78
C LEU C 157 -7.76 -16.74 -7.51
N SER C 158 -7.22 -17.15 -6.38
CA SER C 158 -7.74 -16.74 -5.07
C SER C 158 -7.41 -15.26 -4.87
N LEU C 159 -6.16 -14.89 -5.14
CA LEU C 159 -5.76 -13.51 -5.01
C LEU C 159 -6.64 -12.61 -5.88
N TYR C 160 -6.90 -13.08 -7.09
CA TYR C 160 -7.70 -12.36 -8.07
C TYR C 160 -9.18 -12.31 -7.72
N LEU C 161 -9.67 -13.41 -7.16
CA LEU C 161 -11.07 -13.48 -6.81
C LEU C 161 -11.30 -12.55 -5.62
N PHE C 162 -10.43 -12.60 -4.63
CA PHE C 162 -10.57 -11.75 -3.46
C PHE C 162 -10.55 -10.29 -3.91
N CYS C 163 -9.73 -9.97 -4.92
CA CYS C 163 -9.68 -8.61 -5.44
C CYS C 163 -11.03 -8.17 -5.94
N LEU C 164 -11.64 -9.01 -6.77
CA LEU C 164 -12.95 -8.73 -7.35
C LEU C 164 -14.08 -8.92 -6.36
N GLY C 165 -13.72 -9.19 -5.11
CA GLY C 165 -14.74 -9.41 -4.09
C GLY C 165 -15.65 -10.58 -4.41
N LEU C 166 -15.12 -11.61 -5.06
CA LEU C 166 -15.92 -12.78 -5.44
C LEU C 166 -15.62 -14.01 -4.59
N ALA C 167 -14.70 -13.89 -3.65
CA ALA C 167 -14.39 -15.04 -2.80
C ALA C 167 -13.64 -14.56 -1.58
N PRO C 168 -13.68 -15.34 -0.50
CA PRO C 168 -12.97 -14.92 0.70
C PRO C 168 -11.47 -14.96 0.42
N GLN C 169 -10.69 -14.32 1.29
CA GLN C 169 -9.26 -14.29 1.10
C GLN C 169 -8.63 -15.59 1.56
N ILE C 170 -7.63 -16.06 0.83
CA ILE C 170 -6.96 -17.28 1.20
C ILE C 170 -6.10 -16.91 2.40
N GLN C 171 -5.87 -17.89 3.29
CA GLN C 171 -5.08 -17.66 4.47
C GLN C 171 -3.58 -17.82 4.23
N ASP C 172 -2.81 -17.30 5.17
CA ASP C 172 -1.36 -17.40 5.15
C ASP C 172 -1.04 -18.21 6.40
N LEU C 173 -0.79 -19.50 6.20
CA LEU C 173 -0.50 -20.38 7.32
C LEU C 173 0.96 -20.77 7.38
N TYR C 174 1.80 -20.06 6.63
CA TYR C 174 3.22 -20.38 6.58
C TYR C 174 3.80 -20.87 7.90
N GLY C 175 3.90 -19.98 8.87
CA GLY C 175 4.46 -20.39 10.15
C GLY C 175 3.43 -20.84 11.17
N LYS C 176 2.16 -20.73 10.81
CA LYS C 176 1.08 -21.09 11.72
C LYS C 176 0.87 -22.59 11.89
N VAL C 177 0.75 -23.30 10.78
CA VAL C 177 0.50 -24.74 10.80
C VAL C 177 1.76 -25.59 10.90
N ASP C 178 1.65 -26.75 11.52
CA ASP C 178 2.78 -27.65 11.64
C ASP C 178 2.42 -28.98 11.03
N PHE C 179 3.44 -29.76 10.71
CA PHE C 179 3.27 -31.08 10.11
C PHE C 179 4.26 -32.00 10.79
N THR C 180 4.05 -33.31 10.67
CA THR C 180 4.93 -34.29 11.27
C THR C 180 6.18 -34.46 10.41
N GLU C 181 7.19 -35.09 11.00
CA GLU C 181 8.45 -35.35 10.33
C GLU C 181 8.15 -36.22 9.11
N GLU C 182 7.33 -37.24 9.34
CA GLU C 182 6.90 -38.18 8.32
C GLU C 182 6.27 -37.47 7.13
N GLU C 183 5.40 -36.50 7.40
CA GLU C 183 4.74 -35.79 6.31
C GLU C 183 5.73 -34.96 5.51
N ILE C 184 6.45 -34.09 6.21
CA ILE C 184 7.45 -33.24 5.58
C ILE C 184 8.42 -34.12 4.78
N ASN C 185 8.77 -35.27 5.33
CA ASN C 185 9.69 -36.19 4.66
C ASN C 185 9.07 -36.75 3.38
N ASN C 186 7.85 -37.27 3.49
CA ASN C 186 7.17 -37.83 2.33
C ASN C 186 7.08 -36.80 1.22
N MET C 187 6.73 -35.57 1.58
CA MET C 187 6.60 -34.50 0.62
C MET C 187 7.95 -34.15 0.02
N LYS C 188 9.00 -34.26 0.83
CA LYS C 188 10.35 -33.96 0.38
C LYS C 188 10.79 -34.90 -0.75
N THR C 189 10.68 -36.20 -0.52
CA THR C 189 11.08 -37.17 -1.53
C THR C 189 10.13 -37.17 -2.72
N GLU C 190 8.88 -36.81 -2.49
CA GLU C 190 7.90 -36.76 -3.56
C GLU C 190 8.26 -35.57 -4.45
N LEU C 191 8.77 -34.51 -3.82
CA LEU C 191 9.15 -33.30 -4.54
C LEU C 191 10.43 -33.49 -5.34
N GLU C 192 11.27 -34.42 -4.91
CA GLU C 192 12.54 -34.69 -5.58
C GLU C 192 12.33 -35.40 -6.93
N LYS C 193 13.02 -36.49 -7.17
CA LYS C 193 12.84 -37.17 -8.45
C LYS C 193 11.38 -37.49 -8.71
N ALA D 30 4.16 -37.57 -36.68
CA ALA D 30 3.44 -38.19 -35.52
C ALA D 30 4.29 -38.13 -34.26
N GLU D 31 5.59 -38.42 -34.39
CA GLU D 31 6.49 -38.38 -33.25
C GLU D 31 7.04 -36.97 -33.12
N GLU D 32 7.16 -36.29 -34.26
CA GLU D 32 7.68 -34.93 -34.30
C GLU D 32 6.73 -33.97 -33.58
N MET D 33 5.62 -34.50 -33.06
CA MET D 33 4.62 -33.71 -32.34
C MET D 33 5.22 -33.12 -31.06
N ASP D 34 6.02 -33.92 -30.37
CA ASP D 34 6.65 -33.49 -29.13
C ASP D 34 7.60 -32.31 -29.35
N GLU D 35 8.12 -32.18 -30.56
CA GLU D 35 9.04 -31.09 -30.89
C GLU D 35 8.37 -29.73 -30.97
N ARG D 36 7.24 -29.64 -31.67
CA ARG D 36 6.54 -28.36 -31.79
C ARG D 36 6.03 -27.94 -30.42
N ARG D 37 5.81 -28.92 -29.54
CA ARG D 37 5.34 -28.66 -28.19
C ARG D 37 6.38 -27.80 -27.49
N ARG D 38 7.59 -28.35 -27.39
CA ARG D 38 8.72 -27.69 -26.75
C ARG D 38 8.91 -26.30 -27.33
N GLN D 39 8.61 -26.16 -28.61
CA GLN D 39 8.74 -24.90 -29.31
C GLN D 39 7.68 -23.92 -28.79
N ASN D 40 6.48 -24.45 -28.60
CA ASN D 40 5.36 -23.66 -28.13
C ASN D 40 5.61 -23.15 -26.72
N VAL D 41 6.19 -24.00 -25.89
CA VAL D 41 6.51 -23.62 -24.52
C VAL D 41 7.49 -22.45 -24.52
N ALA D 42 8.49 -22.51 -25.40
CA ALA D 42 9.49 -21.46 -25.49
C ALA D 42 8.87 -20.17 -25.96
N TYR D 43 8.02 -20.28 -26.98
CA TYR D 43 7.34 -19.13 -27.55
C TYR D 43 6.50 -18.43 -26.50
N GLU D 44 5.73 -19.22 -25.77
CA GLU D 44 4.87 -18.72 -24.72
C GLU D 44 5.67 -17.93 -23.70
N TYR D 45 6.75 -18.54 -23.22
CA TYR D 45 7.59 -17.89 -22.23
C TYR D 45 8.16 -16.57 -22.73
N LEU D 46 8.54 -16.51 -24.00
CA LEU D 46 9.08 -15.29 -24.61
C LEU D 46 8.02 -14.20 -24.56
N CYS D 47 6.76 -14.57 -24.78
CA CYS D 47 5.69 -13.59 -24.74
C CYS D 47 5.54 -13.06 -23.32
N HIS D 48 5.60 -13.93 -22.32
CA HIS D 48 5.45 -13.47 -20.95
C HIS D 48 6.63 -12.63 -20.50
N LEU D 49 7.79 -12.86 -21.12
CA LEU D 49 8.97 -12.07 -20.81
C LEU D 49 8.73 -10.69 -21.41
N GLU D 50 8.24 -10.68 -22.65
CA GLU D 50 7.96 -9.44 -23.36
C GLU D 50 6.94 -8.62 -22.55
N GLU D 51 5.95 -9.31 -21.98
CA GLU D 51 4.91 -8.66 -21.19
C GLU D 51 5.52 -8.07 -19.91
N ALA D 52 6.36 -8.87 -19.24
CA ALA D 52 7.00 -8.39 -18.03
C ALA D 52 7.87 -7.20 -18.35
N LYS D 53 8.59 -7.29 -19.46
CA LYS D 53 9.47 -6.22 -19.92
C LYS D 53 8.71 -4.92 -20.10
N ARG D 54 7.66 -4.96 -20.93
CA ARG D 54 6.87 -3.76 -21.17
C ARG D 54 6.24 -3.17 -19.93
N TRP D 55 5.71 -4.04 -19.07
CA TRP D 55 5.08 -3.56 -17.85
C TRP D 55 6.09 -2.83 -16.96
N MET D 56 7.26 -3.41 -16.77
CA MET D 56 8.25 -2.75 -15.92
C MET D 56 8.70 -1.41 -16.50
N GLU D 57 8.80 -1.35 -17.82
CA GLU D 57 9.20 -0.12 -18.49
C GLU D 57 8.11 0.93 -18.28
N ALA D 58 6.86 0.49 -18.29
CA ALA D 58 5.75 1.40 -18.08
C ALA D 58 5.80 1.95 -16.66
N CYS D 59 6.13 1.10 -15.70
CA CYS D 59 6.21 1.49 -14.30
C CYS D 59 7.44 2.35 -13.97
N LEU D 60 8.59 1.98 -14.53
CA LEU D 60 9.84 2.67 -14.26
C LEU D 60 10.12 3.89 -15.11
N GLY D 61 9.45 3.99 -16.26
CA GLY D 61 9.67 5.14 -17.11
C GLY D 61 11.03 5.11 -17.79
N GLU D 62 11.66 3.95 -17.83
CA GLU D 62 12.96 3.80 -18.48
C GLU D 62 12.96 2.47 -19.20
N ASP D 63 13.82 2.34 -20.21
CA ASP D 63 13.92 1.12 -20.98
C ASP D 63 14.65 0.01 -20.25
N LEU D 64 14.24 -1.23 -20.49
CA LEU D 64 14.89 -2.40 -19.91
C LEU D 64 15.54 -3.16 -21.08
N PRO D 65 16.42 -4.12 -20.79
CA PRO D 65 17.06 -4.83 -21.90
C PRO D 65 16.08 -5.52 -22.85
N PRO D 66 16.58 -5.96 -24.03
CA PRO D 66 15.77 -6.64 -25.03
C PRO D 66 15.14 -7.89 -24.42
N THR D 67 13.91 -8.17 -24.81
CA THR D 67 13.19 -9.31 -24.28
C THR D 67 14.06 -10.59 -24.20
N THR D 68 14.85 -10.84 -25.25
CA THR D 68 15.74 -12.00 -25.33
C THR D 68 16.88 -11.99 -24.29
N GLU D 69 17.17 -10.82 -23.73
CA GLU D 69 18.25 -10.73 -22.74
C GLU D 69 17.76 -10.30 -21.36
N LEU D 70 16.44 -10.18 -21.22
CA LEU D 70 15.83 -9.73 -19.96
C LEU D 70 16.22 -10.54 -18.72
N GLU D 71 16.17 -11.87 -18.83
CA GLU D 71 16.51 -12.72 -17.68
C GLU D 71 17.90 -12.41 -17.14
N GLU D 72 18.87 -12.36 -18.02
CA GLU D 72 20.23 -12.07 -17.62
C GLU D 72 20.24 -10.65 -17.08
N GLY D 73 19.43 -9.79 -17.69
CA GLY D 73 19.37 -8.40 -17.30
C GLY D 73 18.68 -8.09 -15.97
N LEU D 74 18.11 -9.10 -15.33
CA LEU D 74 17.44 -8.87 -14.04
C LEU D 74 18.27 -9.40 -12.90
N ARG D 75 19.29 -10.17 -13.25
CA ARG D 75 20.18 -10.79 -12.28
C ARG D 75 20.79 -9.89 -11.20
N ASN D 76 21.27 -8.70 -11.56
CA ASN D 76 21.89 -7.85 -10.54
C ASN D 76 20.88 -7.15 -9.64
N GLY D 77 19.60 -7.47 -9.83
CA GLY D 77 18.54 -6.91 -9.00
C GLY D 77 18.24 -5.42 -9.07
N VAL D 78 18.96 -4.69 -9.91
CA VAL D 78 18.73 -3.25 -9.99
C VAL D 78 17.33 -2.86 -10.44
N TYR D 79 16.85 -3.43 -11.53
CA TYR D 79 15.51 -3.11 -12.03
C TYR D 79 14.44 -3.54 -11.03
N LEU D 80 14.63 -4.70 -10.40
CA LEU D 80 13.68 -5.18 -9.42
C LEU D 80 13.63 -4.22 -8.21
N ALA D 81 14.79 -3.72 -7.78
CA ALA D 81 14.85 -2.78 -6.65
C ALA D 81 14.14 -1.46 -7.02
N LYS D 82 14.33 -1.00 -8.25
CA LYS D 82 13.68 0.22 -8.72
C LYS D 82 12.17 -0.02 -8.73
N LEU D 83 11.76 -1.19 -9.19
CA LEU D 83 10.34 -1.54 -9.22
C LEU D 83 9.87 -1.52 -7.76
N GLY D 84 10.72 -2.00 -6.86
CA GLY D 84 10.38 -2.02 -5.45
C GLY D 84 10.12 -0.61 -4.94
N ASN D 85 10.94 0.34 -5.37
CA ASN D 85 10.78 1.73 -4.96
C ASN D 85 9.48 2.29 -5.56
N PHE D 86 9.16 1.88 -6.78
CA PHE D 86 7.98 2.35 -7.47
C PHE D 86 6.67 2.12 -6.71
N PHE D 87 6.55 0.99 -6.02
CA PHE D 87 5.31 0.71 -5.30
C PHE D 87 5.44 0.66 -3.79
N SER D 88 6.67 0.76 -3.29
CA SER D 88 6.89 0.75 -1.85
C SER D 88 8.10 1.63 -1.51
N PRO D 89 8.00 2.94 -1.81
CA PRO D 89 9.11 3.85 -1.51
C PRO D 89 9.43 3.88 -0.03
N LYS D 90 8.50 3.43 0.78
CA LYS D 90 8.70 3.38 2.23
C LYS D 90 9.80 2.35 2.56
N VAL D 91 9.88 1.30 1.74
CA VAL D 91 10.86 0.22 1.94
C VAL D 91 12.15 0.35 1.14
N VAL D 92 12.02 0.73 -0.12
CA VAL D 92 13.16 0.86 -1.01
C VAL D 92 13.55 2.30 -1.38
N SER D 93 14.69 2.73 -0.86
CA SER D 93 15.23 4.06 -1.16
C SER D 93 16.15 3.94 -2.38
N LEU D 94 15.86 4.70 -3.43
CA LEU D 94 16.65 4.65 -4.64
C LEU D 94 18.15 4.83 -4.39
N LYS D 95 18.49 5.71 -3.46
CA LYS D 95 19.91 5.95 -3.18
C LYS D 95 20.59 4.86 -2.36
N LYS D 96 19.84 3.82 -1.99
CA LYS D 96 20.44 2.74 -1.23
C LYS D 96 20.61 1.50 -2.09
N ILE D 97 20.28 1.63 -3.38
CA ILE D 97 20.41 0.53 -4.33
C ILE D 97 21.89 0.45 -4.72
N TYR D 98 22.49 -0.72 -4.60
CA TYR D 98 23.91 -0.87 -4.97
C TYR D 98 24.06 -0.91 -6.49
N ASP D 99 25.01 -0.13 -7.00
CA ASP D 99 25.29 -0.06 -8.45
C ASP D 99 24.00 0.25 -9.20
N ARG D 100 23.36 1.35 -8.83
CA ARG D 100 22.10 1.78 -9.41
C ARG D 100 22.15 2.07 -10.91
N GLU D 101 23.28 2.54 -11.40
CA GLU D 101 23.40 2.84 -12.83
C GLU D 101 23.94 1.60 -13.55
N GLN D 102 24.21 0.57 -12.76
CA GLN D 102 24.73 -0.70 -13.28
C GLN D 102 26.06 -0.50 -13.99
N THR D 103 26.86 0.44 -13.51
CA THR D 103 28.17 0.70 -14.11
C THR D 103 29.14 -0.42 -13.73
N ARG D 104 29.15 -0.78 -12.45
CA ARG D 104 30.02 -1.85 -11.96
C ARG D 104 29.67 -3.11 -12.74
N TYR D 105 28.37 -3.32 -12.96
CA TYR D 105 27.88 -4.50 -13.67
C TYR D 105 28.37 -4.57 -15.11
N LYS D 106 28.31 -3.46 -15.83
CA LYS D 106 28.77 -3.45 -17.22
C LYS D 106 30.27 -3.67 -17.28
N ALA D 107 31.00 -3.05 -16.36
CA ALA D 107 32.45 -3.19 -16.29
C ALA D 107 32.80 -4.63 -15.89
N THR D 108 32.71 -4.92 -14.60
CA THR D 108 32.96 -6.27 -14.10
C THR D 108 31.63 -6.97 -14.33
N GLY D 109 31.33 -8.00 -13.54
CA GLY D 109 30.06 -8.68 -13.74
C GLY D 109 29.19 -8.58 -12.49
N LEU D 110 28.51 -9.67 -12.15
CA LEU D 110 27.67 -9.69 -10.97
C LEU D 110 28.57 -9.59 -9.75
N HIS D 111 28.13 -8.84 -8.75
CA HIS D 111 28.91 -8.70 -7.53
C HIS D 111 27.98 -9.06 -6.37
N PHE D 112 28.53 -9.70 -5.35
CA PHE D 112 27.74 -10.13 -4.20
C PHE D 112 26.81 -9.05 -3.66
N ARG D 113 27.30 -7.82 -3.66
CA ARG D 113 26.52 -6.69 -3.17
C ARG D 113 25.19 -6.51 -3.92
N HIS D 114 25.15 -6.93 -5.19
CA HIS D 114 23.93 -6.83 -6.02
C HIS D 114 22.80 -7.62 -5.35
N THR D 115 23.18 -8.66 -4.61
CA THR D 115 22.21 -9.50 -3.92
C THR D 115 21.27 -8.69 -3.04
N ASP D 116 21.76 -7.60 -2.46
CA ASP D 116 20.92 -6.79 -1.61
C ASP D 116 19.78 -6.14 -2.41
N ASN D 117 20.02 -5.86 -3.69
CA ASN D 117 18.99 -5.27 -4.53
C ASN D 117 17.79 -6.18 -4.66
N VAL D 118 18.06 -7.47 -4.85
CA VAL D 118 17.00 -8.46 -4.99
C VAL D 118 16.26 -8.56 -3.66
N ILE D 119 17.01 -8.44 -2.58
CA ILE D 119 16.45 -8.52 -1.23
C ILE D 119 15.51 -7.32 -0.97
N GLN D 120 15.86 -6.15 -1.47
CA GLN D 120 15.01 -4.98 -1.26
C GLN D 120 13.67 -5.22 -1.97
N TRP D 121 13.73 -5.79 -3.17
CA TRP D 121 12.53 -6.09 -3.95
C TRP D 121 11.65 -7.06 -3.17
N LEU D 122 12.25 -8.12 -2.63
CA LEU D 122 11.49 -9.08 -1.86
C LEU D 122 10.81 -8.37 -0.69
N ASN D 123 11.57 -7.51 -0.01
CA ASN D 123 11.02 -6.78 1.12
C ASN D 123 9.89 -5.86 0.70
N ALA D 124 10.03 -5.24 -0.47
CA ALA D 124 9.00 -4.35 -0.97
C ALA D 124 7.71 -5.14 -1.14
N MET D 125 7.81 -6.30 -1.78
CA MET D 125 6.64 -7.15 -1.99
C MET D 125 6.02 -7.65 -0.69
N ASP D 126 6.86 -7.88 0.31
CA ASP D 126 6.36 -8.33 1.61
C ASP D 126 5.55 -7.20 2.24
N GLU D 127 6.07 -5.98 2.11
CA GLU D 127 5.41 -4.80 2.67
C GLU D 127 4.02 -4.58 2.08
N ILE D 128 3.85 -4.66 0.77
CA ILE D 128 2.53 -4.43 0.19
C ILE D 128 1.60 -5.62 0.30
N GLY D 129 2.10 -6.70 0.89
CA GLY D 129 1.27 -7.89 1.06
C GLY D 129 1.15 -8.91 -0.05
N LEU D 130 2.02 -8.88 -1.07
CA LEU D 130 1.90 -9.90 -2.10
C LEU D 130 2.15 -11.21 -1.38
N PRO D 131 1.24 -12.18 -1.53
CA PRO D 131 1.40 -13.48 -0.87
C PRO D 131 2.77 -14.09 -1.10
N LYS D 132 3.38 -14.61 -0.04
CA LYS D 132 4.70 -15.21 -0.09
C LYS D 132 4.92 -16.32 -1.11
N ILE D 133 3.88 -17.10 -1.39
CA ILE D 133 4.03 -18.21 -2.32
C ILE D 133 4.66 -17.82 -3.67
N PHE D 134 4.41 -16.60 -4.14
CA PHE D 134 4.92 -16.12 -5.42
C PHE D 134 6.38 -15.70 -5.45
N TYR D 135 6.98 -15.46 -4.29
CA TYR D 135 8.36 -15.00 -4.24
C TYR D 135 9.41 -16.03 -4.62
N PRO D 136 10.37 -15.61 -5.44
CA PRO D 136 11.41 -16.56 -5.81
C PRO D 136 12.47 -16.33 -4.73
N GLU D 137 13.50 -17.16 -4.70
CA GLU D 137 14.57 -16.98 -3.72
C GLU D 137 15.68 -16.15 -4.36
N THR D 138 16.47 -15.46 -3.54
CA THR D 138 17.53 -14.61 -4.08
C THR D 138 18.39 -15.38 -5.06
N THR D 139 18.69 -16.63 -4.73
CA THR D 139 19.54 -17.45 -5.60
C THR D 139 18.85 -17.71 -6.96
N ASP D 140 17.52 -17.77 -6.96
CA ASP D 140 16.79 -17.99 -8.21
C ASP D 140 17.04 -16.91 -9.24
N ILE D 141 17.27 -15.68 -8.79
CA ILE D 141 17.51 -14.63 -9.76
C ILE D 141 18.99 -14.25 -9.85
N TYR D 142 19.66 -14.04 -8.71
CA TYR D 142 21.08 -13.69 -8.72
C TYR D 142 21.92 -14.76 -9.43
N ASP D 143 21.80 -16.01 -8.98
CA ASP D 143 22.53 -17.13 -9.59
C ASP D 143 21.76 -17.67 -10.77
N ARG D 144 20.66 -17.02 -11.11
CA ARG D 144 19.82 -17.46 -12.24
C ARG D 144 19.44 -18.92 -12.11
N LYS D 145 19.22 -19.36 -10.88
CA LYS D 145 18.85 -20.73 -10.62
C LYS D 145 17.43 -21.01 -11.11
N ASN D 146 16.59 -19.99 -11.16
CA ASN D 146 15.20 -20.15 -11.59
C ASN D 146 14.58 -18.81 -11.98
N MET D 147 15.05 -18.24 -13.09
CA MET D 147 14.54 -16.95 -13.54
C MET D 147 13.05 -17.01 -13.90
N PRO D 148 12.59 -18.13 -14.47
CA PRO D 148 11.15 -18.17 -14.79
C PRO D 148 10.31 -17.95 -13.52
N ARG D 149 10.81 -18.44 -12.39
CA ARG D 149 10.08 -18.26 -11.14
C ARG D 149 9.97 -16.77 -10.84
N CYS D 150 11.01 -16.03 -11.20
CA CYS D 150 11.03 -14.58 -11.00
C CYS D 150 10.02 -13.91 -11.94
N ILE D 151 10.00 -14.29 -13.21
CA ILE D 151 9.06 -13.69 -14.16
C ILE D 151 7.61 -13.95 -13.72
N TYR D 152 7.36 -15.17 -13.25
CA TYR D 152 6.04 -15.58 -12.77
C TYR D 152 5.59 -14.63 -11.65
N CYS D 153 6.49 -14.38 -10.70
CA CYS D 153 6.21 -13.48 -9.59
C CYS D 153 5.96 -12.08 -10.13
N ILE D 154 6.70 -11.67 -11.15
CA ILE D 154 6.48 -10.34 -11.71
C ILE D 154 5.02 -10.22 -12.14
N HIS D 155 4.53 -11.24 -12.85
CA HIS D 155 3.14 -11.27 -13.31
C HIS D 155 2.10 -11.26 -12.17
N ALA D 156 2.38 -11.97 -11.09
CA ALA D 156 1.46 -12.01 -9.96
C ALA D 156 1.44 -10.63 -9.27
N LEU D 157 2.63 -10.03 -9.15
CA LEU D 157 2.78 -8.71 -8.54
C LEU D 157 2.04 -7.66 -9.37
N SER D 158 2.17 -7.78 -10.68
CA SER D 158 1.51 -6.86 -11.61
C SER D 158 0.01 -6.97 -11.37
N LEU D 159 -0.48 -8.21 -11.37
CA LEU D 159 -1.90 -8.47 -11.16
C LEU D 159 -2.36 -7.88 -9.84
N TYR D 160 -1.59 -8.12 -8.78
CA TYR D 160 -1.92 -7.61 -7.46
C TYR D 160 -1.89 -6.08 -7.44
N LEU D 161 -0.85 -5.50 -8.03
CA LEU D 161 -0.70 -4.06 -8.06
C LEU D 161 -1.84 -3.39 -8.85
N PHE D 162 -2.18 -3.96 -10.00
CA PHE D 162 -3.26 -3.40 -10.82
C PHE D 162 -4.55 -3.40 -10.00
N CYS D 163 -4.75 -4.45 -9.21
CA CYS D 163 -5.92 -4.54 -8.36
C CYS D 163 -5.99 -3.36 -7.42
N LEU D 164 -4.88 -3.10 -6.75
CA LEU D 164 -4.78 -2.00 -5.79
C LEU D 164 -4.70 -0.65 -6.48
N GLY D 165 -4.79 -0.63 -7.81
CA GLY D 165 -4.70 0.62 -8.52
C GLY D 165 -3.35 1.29 -8.32
N LEU D 166 -2.31 0.49 -8.07
CA LEU D 166 -0.97 1.02 -7.87
C LEU D 166 -0.09 0.93 -9.13
N ALA D 167 -0.63 0.36 -10.20
CA ALA D 167 0.14 0.24 -11.44
C ALA D 167 -0.73 -0.12 -12.62
N PRO D 168 -0.25 0.15 -13.85
CA PRO D 168 -1.04 -0.17 -15.03
C PRO D 168 -1.13 -1.67 -15.22
N GLN D 169 -2.13 -2.12 -15.98
CA GLN D 169 -2.33 -3.53 -16.24
C GLN D 169 -1.26 -4.09 -17.18
N ILE D 170 -0.72 -5.24 -16.84
CA ILE D 170 0.27 -5.86 -17.70
C ILE D 170 -0.47 -6.28 -18.96
N GLN D 171 0.22 -6.32 -20.09
CA GLN D 171 -0.45 -6.68 -21.34
C GLN D 171 -0.49 -8.16 -21.59
N ASP D 172 -1.38 -8.55 -22.50
CA ASP D 172 -1.55 -9.93 -22.91
C ASP D 172 -1.15 -9.94 -24.38
N LEU D 173 0.07 -10.40 -24.64
CA LEU D 173 0.59 -10.43 -26.00
C LEU D 173 0.76 -11.84 -26.53
N TYR D 174 0.10 -12.81 -25.90
CA TYR D 174 0.25 -14.20 -26.31
C TYR D 174 0.47 -14.41 -27.79
N GLY D 175 -0.49 -14.03 -28.62
CA GLY D 175 -0.31 -14.24 -30.05
C GLY D 175 -0.13 -12.96 -30.85
N LYS D 176 0.10 -11.84 -30.17
CA LYS D 176 0.27 -10.58 -30.85
C LYS D 176 1.72 -10.28 -31.19
N VAL D 177 2.64 -10.97 -30.51
CA VAL D 177 4.07 -10.76 -30.72
C VAL D 177 4.73 -11.98 -31.35
N ASP D 178 5.67 -11.74 -32.27
CA ASP D 178 6.40 -12.84 -32.89
C ASP D 178 7.86 -12.74 -32.55
N PHE D 179 8.56 -13.85 -32.74
CA PHE D 179 9.99 -13.93 -32.49
C PHE D 179 10.55 -14.79 -33.60
N THR D 180 11.85 -14.69 -33.86
CA THR D 180 12.47 -15.48 -34.91
C THR D 180 12.58 -16.93 -34.44
N GLU D 181 12.72 -17.83 -35.41
CA GLU D 181 12.85 -19.25 -35.16
C GLU D 181 14.07 -19.41 -34.27
N GLU D 182 15.11 -18.65 -34.59
CA GLU D 182 16.35 -18.67 -33.84
C GLU D 182 16.05 -18.39 -32.36
N GLU D 183 15.42 -17.25 -32.10
CA GLU D 183 15.10 -16.87 -30.73
C GLU D 183 14.31 -17.92 -30.01
N ILE D 184 13.21 -18.36 -30.62
CA ILE D 184 12.38 -19.38 -29.97
C ILE D 184 13.23 -20.61 -29.67
N ASN D 185 14.14 -20.93 -30.56
CA ASN D 185 15.01 -22.08 -30.38
C ASN D 185 15.97 -21.91 -29.23
N ASN D 186 16.65 -20.77 -29.17
CA ASN D 186 17.60 -20.50 -28.10
C ASN D 186 16.92 -20.64 -26.75
N MET D 187 15.70 -20.09 -26.65
CA MET D 187 14.95 -20.14 -25.41
C MET D 187 14.54 -21.57 -25.09
N LYS D 188 14.24 -22.33 -26.14
CA LYS D 188 13.84 -23.73 -25.99
C LYS D 188 14.92 -24.56 -25.34
N THR D 189 16.13 -24.53 -25.91
CA THR D 189 17.23 -25.30 -25.37
C THR D 189 17.71 -24.75 -24.01
N GLU D 190 17.53 -23.46 -23.79
CA GLU D 190 17.93 -22.84 -22.54
C GLU D 190 16.95 -23.34 -21.47
N LEU D 191 15.70 -23.52 -21.87
CA LEU D 191 14.65 -23.98 -20.97
C LEU D 191 14.75 -25.47 -20.64
N GLU D 192 15.22 -26.26 -21.60
CA GLU D 192 15.35 -27.70 -21.42
C GLU D 192 16.50 -28.08 -20.50
N LYS D 193 17.72 -28.09 -21.03
CA LYS D 193 18.87 -28.46 -20.22
C LYS D 193 19.01 -27.46 -19.09
#